data_1D1H
#
_entry.id   1D1H
#
_cell.length_a   1.000
_cell.length_b   1.000
_cell.length_c   1.000
_cell.angle_alpha   90.00
_cell.angle_beta   90.00
_cell.angle_gamma   90.00
#
_symmetry.space_group_name_H-M   'P 1'
#
_entity_poly.entity_id   1
_entity_poly.type   'polypeptide(L)'
_entity_poly.pdbx_seq_one_letter_code
;ECRYLFGGCKTTSDCCKHLGCKFRDKYCAWDFTFS
;
_entity_poly.pdbx_strand_id   A
#
# COMPACT_ATOMS: atom_id res chain seq x y z
N GLU A 1 4.28 -2.92 -9.23
CA GLU A 1 3.47 -1.81 -9.79
C GLU A 1 2.85 -0.96 -8.69
N CYS A 2 3.11 0.34 -8.72
CA CYS A 2 2.58 1.25 -7.72
C CYS A 2 1.08 1.13 -7.62
N ARG A 3 0.65 0.37 -6.65
CA ARG A 3 -0.75 0.16 -6.39
C ARG A 3 -1.30 1.32 -5.60
N TYR A 4 -1.87 2.26 -6.33
CA TYR A 4 -2.45 3.46 -5.73
C TYR A 4 -3.42 3.06 -4.61
N LEU A 5 -4.19 4.03 -4.14
CA LEU A 5 -5.17 3.76 -3.08
C LEU A 5 -6.18 2.70 -3.52
N PHE A 6 -6.16 1.57 -2.83
CA PHE A 6 -7.07 0.46 -3.14
C PHE A 6 -6.49 -0.44 -4.22
N GLY A 7 -5.17 -0.51 -4.29
CA GLY A 7 -4.52 -1.34 -5.29
C GLY A 7 -3.98 -2.63 -4.69
N GLY A 8 -4.36 -3.76 -5.28
CA GLY A 8 -3.89 -5.04 -4.79
C GLY A 8 -2.39 -5.10 -4.67
N CYS A 9 -1.89 -5.28 -3.46
CA CYS A 9 -0.45 -5.35 -3.22
C CYS A 9 -0.07 -6.63 -2.49
N LYS A 10 1.02 -7.26 -2.96
CA LYS A 10 1.50 -8.48 -2.34
C LYS A 10 2.30 -8.16 -1.09
N THR A 11 2.76 -6.91 -1.03
CA THR A 11 3.54 -6.43 0.11
C THR A 11 3.50 -4.92 0.17
N THR A 12 4.23 -4.36 1.12
CA THR A 12 4.29 -2.92 1.27
C THR A 12 5.10 -2.29 0.14
N SER A 13 6.04 -3.06 -0.39
CA SER A 13 6.89 -2.61 -1.48
C SER A 13 6.21 -2.82 -2.83
N ASP A 14 4.91 -3.09 -2.79
CA ASP A 14 4.14 -3.32 -4.00
C ASP A 14 3.15 -2.18 -4.27
N CYS A 15 3.22 -1.13 -3.44
CA CYS A 15 2.33 0.01 -3.60
C CYS A 15 3.08 1.28 -3.95
N CYS A 16 2.32 2.28 -4.37
CA CYS A 16 2.88 3.57 -4.74
C CYS A 16 3.75 4.17 -3.64
N LYS A 17 3.72 5.48 -3.54
CA LYS A 17 4.54 6.19 -2.56
C LYS A 17 3.81 6.42 -1.25
N HIS A 18 2.85 7.32 -1.29
CA HIS A 18 2.07 7.67 -0.11
C HIS A 18 1.32 6.47 0.46
N LEU A 19 1.26 5.40 -0.31
CA LEU A 19 0.54 4.20 0.12
C LEU A 19 1.45 3.18 0.79
N GLY A 20 0.82 2.33 1.61
CA GLY A 20 1.53 1.28 2.31
C GLY A 20 0.67 0.03 2.42
N CYS A 21 1.22 -1.11 2.05
CA CYS A 21 0.49 -2.37 2.10
C CYS A 21 0.39 -2.89 3.53
N LYS A 22 -0.84 -3.11 3.99
CA LYS A 22 -1.07 -3.61 5.33
C LYS A 22 -1.51 -5.07 5.29
N PHE A 23 -0.71 -5.95 5.89
CA PHE A 23 -1.01 -7.37 5.93
C PHE A 23 -2.39 -7.62 6.55
N ARG A 24 -3.44 -7.43 5.76
CA ARG A 24 -4.79 -7.63 6.23
C ARG A 24 -5.81 -7.38 5.11
N ASP A 25 -5.94 -6.12 4.72
CA ASP A 25 -6.87 -5.75 3.66
C ASP A 25 -6.38 -6.23 2.30
N LYS A 26 -5.05 -6.30 2.15
CA LYS A 26 -4.44 -6.77 0.91
C LYS A 26 -4.23 -5.60 -0.06
N TYR A 27 -4.94 -4.51 0.14
CA TYR A 27 -4.82 -3.35 -0.74
C TYR A 27 -3.76 -2.39 -0.21
N CYS A 28 -3.74 -1.19 -0.78
CA CYS A 28 -2.78 -0.17 -0.38
C CYS A 28 -3.47 1.02 0.25
N ALA A 29 -3.11 1.30 1.50
CA ALA A 29 -3.71 2.42 2.23
C ALA A 29 -2.65 3.45 2.58
N TRP A 30 -3.03 4.72 2.57
CA TRP A 30 -2.11 5.80 2.89
C TRP A 30 -1.24 5.44 4.09
N ASP A 31 -0.04 5.98 4.11
CA ASP A 31 0.90 5.71 5.20
C ASP A 31 2.26 6.33 4.91
N PHE A 32 2.45 7.56 5.36
CA PHE A 32 3.71 8.28 5.14
C PHE A 32 3.63 9.68 5.72
N THR A 33 4.19 9.85 6.91
CA THR A 33 4.18 11.13 7.59
C THR A 33 2.92 11.31 8.42
N PHE A 34 2.80 12.45 9.09
CA PHE A 34 1.63 12.73 9.92
C PHE A 34 0.60 13.54 9.14
N SER A 35 -0.37 12.84 8.54
CA SER A 35 -1.42 13.48 7.76
C SER A 35 -2.56 12.53 7.47
N GLU A 1 2.42 0.31 -12.67
CA GLU A 1 2.91 -0.17 -11.36
C GLU A 1 2.45 0.73 -10.22
N CYS A 2 2.91 0.43 -9.01
CA CYS A 2 2.53 1.22 -7.84
C CYS A 2 1.03 1.16 -7.61
N ARG A 3 0.66 0.28 -6.69
CA ARG A 3 -0.72 0.10 -6.34
C ARG A 3 -1.21 1.29 -5.53
N TYR A 4 -1.86 2.18 -6.25
CA TYR A 4 -2.39 3.39 -5.65
C TYR A 4 -3.51 3.03 -4.65
N LEU A 5 -4.05 4.04 -3.98
CA LEU A 5 -5.13 3.81 -3.02
C LEU A 5 -6.13 2.78 -3.53
N PHE A 6 -6.15 1.61 -2.89
CA PHE A 6 -7.07 0.54 -3.27
C PHE A 6 -6.48 -0.33 -4.38
N GLY A 7 -5.17 -0.59 -4.30
CA GLY A 7 -4.53 -1.42 -5.30
C GLY A 7 -4.03 -2.74 -4.74
N GLY A 8 -4.36 -3.83 -5.41
CA GLY A 8 -3.94 -5.15 -4.96
C GLY A 8 -2.44 -5.25 -4.76
N CYS A 9 -2.01 -5.41 -3.52
CA CYS A 9 -0.58 -5.50 -3.21
C CYS A 9 -0.29 -6.69 -2.30
N LYS A 10 0.84 -7.34 -2.55
CA LYS A 10 1.28 -8.48 -1.76
C LYS A 10 2.30 -8.03 -0.73
N THR A 11 2.88 -6.87 -0.96
CA THR A 11 3.89 -6.32 -0.08
C THR A 11 3.78 -4.81 0.00
N THR A 12 4.40 -4.23 1.01
CA THR A 12 4.39 -2.79 1.19
C THR A 12 5.11 -2.13 0.02
N SER A 13 6.11 -2.83 -0.50
CA SER A 13 6.88 -2.33 -1.62
C SER A 13 6.14 -2.55 -2.94
N ASP A 14 4.93 -3.09 -2.86
CA ASP A 14 4.13 -3.36 -4.05
C ASP A 14 3.14 -2.24 -4.31
N CYS A 15 3.26 -1.15 -3.54
CA CYS A 15 2.36 -0.02 -3.70
C CYS A 15 3.11 1.26 -4.02
N CYS A 16 2.35 2.29 -4.36
CA CYS A 16 2.89 3.58 -4.71
C CYS A 16 3.78 4.16 -3.63
N LYS A 17 3.76 5.47 -3.50
CA LYS A 17 4.60 6.17 -2.54
C LYS A 17 3.90 6.38 -1.20
N HIS A 18 2.93 7.30 -1.21
CA HIS A 18 2.21 7.64 -0.01
C HIS A 18 1.43 6.46 0.54
N LEU A 19 1.36 5.39 -0.23
CA LEU A 19 0.62 4.21 0.19
C LEU A 19 1.49 3.19 0.93
N GLY A 20 0.83 2.23 1.56
CA GLY A 20 1.51 1.20 2.30
C GLY A 20 0.68 -0.07 2.37
N CYS A 21 1.25 -1.19 1.93
CA CYS A 21 0.55 -2.46 1.93
C CYS A 21 0.35 -2.99 3.34
N LYS A 22 -0.83 -3.54 3.61
CA LYS A 22 -1.15 -4.09 4.92
C LYS A 22 -1.50 -5.56 4.82
N PHE A 23 -0.68 -6.41 5.42
CA PHE A 23 -0.91 -7.85 5.38
C PHE A 23 -2.25 -8.21 6.02
N ARG A 24 -3.34 -7.88 5.32
CA ARG A 24 -4.68 -8.18 5.82
C ARG A 24 -5.74 -7.46 4.98
N ASP A 25 -5.51 -6.19 4.70
CA ASP A 25 -6.42 -5.38 3.91
C ASP A 25 -6.46 -5.89 2.47
N LYS A 26 -5.31 -6.35 1.98
CA LYS A 26 -5.20 -6.85 0.62
C LYS A 26 -4.89 -5.72 -0.36
N TYR A 27 -5.21 -4.49 0.03
CA TYR A 27 -4.97 -3.34 -0.83
C TYR A 27 -3.92 -2.42 -0.22
N CYS A 28 -3.74 -1.26 -0.83
CA CYS A 28 -2.77 -0.28 -0.35
C CYS A 28 -3.48 0.91 0.28
N ALA A 29 -3.07 1.26 1.50
CA ALA A 29 -3.67 2.37 2.21
C ALA A 29 -2.61 3.39 2.62
N TRP A 30 -2.99 4.67 2.58
CA TRP A 30 -2.07 5.74 2.94
C TRP A 30 -1.28 5.37 4.20
N ASP A 31 -0.05 5.87 4.28
CA ASP A 31 0.80 5.60 5.42
C ASP A 31 2.17 6.23 5.23
N PHE A 32 2.23 7.54 5.33
CA PHE A 32 3.48 8.27 5.17
C PHE A 32 3.23 9.77 5.28
N THR A 33 4.11 10.47 5.99
CA THR A 33 3.99 11.91 6.17
C THR A 33 2.64 12.27 6.76
N PHE A 34 1.69 12.52 5.88
CA PHE A 34 0.33 12.89 6.29
C PHE A 34 -0.06 12.15 7.57
N SER A 35 0.39 10.90 7.69
CA SER A 35 0.08 10.10 8.87
C SER A 35 -1.42 9.80 8.95
N GLU A 1 2.46 -0.22 -12.48
CA GLU A 1 3.12 -0.40 -11.16
C GLU A 1 2.52 0.52 -10.10
N CYS A 2 3.07 0.47 -8.90
CA CYS A 2 2.59 1.31 -7.80
C CYS A 2 1.08 1.21 -7.69
N ARG A 3 0.65 0.36 -6.76
CA ARG A 3 -0.74 0.14 -6.51
C ARG A 3 -1.30 1.30 -5.70
N TYR A 4 -1.80 2.27 -6.42
CA TYR A 4 -2.38 3.46 -5.82
C TYR A 4 -3.47 3.06 -4.83
N LEU A 5 -3.97 4.00 -4.06
CA LEU A 5 -5.01 3.72 -3.07
C LEU A 5 -6.00 2.68 -3.59
N PHE A 6 -6.10 1.57 -2.87
CA PHE A 6 -7.01 0.49 -3.24
C PHE A 6 -6.41 -0.43 -4.30
N GLY A 7 -5.09 -0.47 -4.38
CA GLY A 7 -4.43 -1.32 -5.36
C GLY A 7 -3.88 -2.60 -4.74
N GLY A 8 -4.37 -3.73 -5.23
CA GLY A 8 -3.90 -5.01 -4.71
C GLY A 8 -2.40 -5.05 -4.58
N CYS A 9 -1.92 -5.47 -3.40
CA CYS A 9 -0.48 -5.53 -3.16
C CYS A 9 -0.10 -6.76 -2.33
N LYS A 10 1.01 -7.39 -2.71
CA LYS A 10 1.50 -8.56 -2.00
C LYS A 10 2.39 -8.13 -0.85
N THR A 11 2.92 -6.92 -0.95
CA THR A 11 3.77 -6.35 0.08
C THR A 11 3.62 -4.85 0.11
N THR A 12 4.38 -4.21 0.98
CA THR A 12 4.35 -2.77 1.10
C THR A 12 5.01 -2.11 -0.10
N SER A 13 6.00 -2.80 -0.65
CA SER A 13 6.74 -2.29 -1.80
C SER A 13 5.92 -2.46 -3.08
N ASP A 14 4.83 -3.21 -2.98
CA ASP A 14 3.96 -3.45 -4.13
C ASP A 14 2.99 -2.30 -4.32
N CYS A 15 3.21 -1.21 -3.59
CA CYS A 15 2.34 -0.04 -3.71
C CYS A 15 3.11 1.23 -4.01
N CYS A 16 2.36 2.26 -4.37
CA CYS A 16 2.93 3.55 -4.69
C CYS A 16 3.79 4.11 -3.58
N LYS A 17 3.78 5.42 -3.44
CA LYS A 17 4.60 6.09 -2.45
C LYS A 17 3.87 6.31 -1.14
N HIS A 18 2.92 7.24 -1.16
CA HIS A 18 2.17 7.60 0.02
C HIS A 18 1.39 6.43 0.59
N LEU A 19 1.30 5.36 -0.18
CA LEU A 19 0.56 4.18 0.25
C LEU A 19 1.42 3.20 1.03
N GLY A 20 0.75 2.23 1.65
CA GLY A 20 1.42 1.21 2.43
C GLY A 20 0.59 -0.06 2.52
N CYS A 21 1.15 -1.17 2.05
CA CYS A 21 0.44 -2.44 2.07
C CYS A 21 0.26 -2.95 3.49
N LYS A 22 -0.96 -2.79 4.01
CA LYS A 22 -1.28 -3.23 5.36
C LYS A 22 -1.65 -4.71 5.38
N PHE A 23 -0.85 -5.51 6.05
CA PHE A 23 -1.09 -6.94 6.15
C PHE A 23 -2.46 -7.22 6.76
N ARG A 24 -3.51 -7.07 5.96
CA ARG A 24 -4.87 -7.31 6.43
C ARG A 24 -5.91 -6.86 5.39
N ASP A 25 -5.78 -5.61 4.95
CA ASP A 25 -6.72 -5.07 3.96
C ASP A 25 -6.53 -5.72 2.60
N LYS A 26 -5.31 -6.13 2.31
CA LYS A 26 -4.99 -6.76 1.03
C LYS A 26 -4.63 -5.72 -0.02
N TYR A 27 -5.07 -4.48 0.20
CA TYR A 27 -4.78 -3.39 -0.73
C TYR A 27 -3.79 -2.42 -0.12
N CYS A 28 -3.64 -1.27 -0.75
CA CYS A 28 -2.71 -0.25 -0.30
C CYS A 28 -3.45 0.94 0.30
N ALA A 29 -3.01 1.37 1.48
CA ALA A 29 -3.63 2.49 2.16
C ALA A 29 -2.59 3.53 2.56
N TRP A 30 -2.97 4.80 2.51
CA TRP A 30 -2.07 5.88 2.86
C TRP A 30 -1.23 5.50 4.07
N ASP A 31 -0.02 6.03 4.13
CA ASP A 31 0.89 5.75 5.23
C ASP A 31 2.30 6.23 4.91
N PHE A 32 2.41 7.50 4.54
CA PHE A 32 3.71 8.08 4.20
C PHE A 32 3.55 9.46 3.59
N THR A 33 4.06 10.47 4.28
CA THR A 33 3.97 11.86 3.80
C THR A 33 5.34 12.36 3.36
N PHE A 34 5.38 13.61 2.89
CA PHE A 34 6.62 14.21 2.44
C PHE A 34 7.18 13.47 1.23
N SER A 35 7.67 12.27 1.45
CA SER A 35 8.24 11.45 0.38
C SER A 35 9.41 12.16 -0.28
N GLU A 1 6.24 -0.26 -11.14
CA GLU A 1 4.85 -0.51 -10.67
C GLU A 1 4.55 0.26 -9.39
N CYS A 2 3.27 0.37 -9.06
CA CYS A 2 2.86 1.08 -7.84
C CYS A 2 1.34 1.15 -7.75
N ARG A 3 0.81 0.34 -6.86
CA ARG A 3 -0.61 0.27 -6.63
C ARG A 3 -1.07 1.41 -5.74
N TYR A 4 -1.72 2.39 -6.36
CA TYR A 4 -2.24 3.53 -5.64
C TYR A 4 -3.28 3.07 -4.62
N LEU A 5 -4.12 4.00 -4.18
CA LEU A 5 -5.16 3.69 -3.20
C LEU A 5 -6.09 2.57 -3.67
N PHE A 6 -6.29 1.58 -2.80
CA PHE A 6 -7.17 0.46 -3.10
C PHE A 6 -6.58 -0.45 -4.19
N GLY A 7 -5.25 -0.41 -4.34
CA GLY A 7 -4.60 -1.23 -5.35
C GLY A 7 -3.98 -2.49 -4.74
N GLY A 8 -4.58 -3.64 -5.02
CA GLY A 8 -4.05 -4.89 -4.49
C GLY A 8 -2.54 -4.90 -4.40
N CYS A 9 -2.00 -5.46 -3.33
CA CYS A 9 -0.56 -5.52 -3.13
C CYS A 9 -0.15 -6.74 -2.32
N LYS A 10 0.95 -7.37 -2.72
CA LYS A 10 1.46 -8.54 -2.02
C LYS A 10 2.30 -8.11 -0.83
N THR A 11 2.79 -6.88 -0.89
CA THR A 11 3.61 -6.32 0.16
C THR A 11 3.51 -4.79 0.16
N THR A 12 4.28 -4.17 1.04
CA THR A 12 4.29 -2.72 1.12
C THR A 12 5.03 -2.12 -0.07
N SER A 13 5.99 -2.88 -0.60
CA SER A 13 6.77 -2.45 -1.74
C SER A 13 5.99 -2.62 -3.04
N ASP A 14 4.80 -3.20 -2.94
CA ASP A 14 3.96 -3.43 -4.11
C ASP A 14 3.02 -2.25 -4.35
N CYS A 15 3.22 -1.16 -3.62
CA CYS A 15 2.37 0.02 -3.77
C CYS A 15 3.19 1.25 -4.12
N CYS A 16 2.48 2.36 -4.29
CA CYS A 16 3.09 3.63 -4.63
C CYS A 16 3.90 4.22 -3.48
N LYS A 17 3.85 5.53 -3.36
CA LYS A 17 4.63 6.23 -2.35
C LYS A 17 3.85 6.43 -1.07
N HIS A 18 2.86 7.30 -1.13
CA HIS A 18 2.06 7.63 0.03
C HIS A 18 1.28 6.43 0.54
N LEU A 19 1.30 5.34 -0.22
CA LEU A 19 0.57 4.15 0.17
C LEU A 19 1.45 3.10 0.83
N GLY A 20 0.84 2.36 1.77
CA GLY A 20 1.54 1.31 2.48
C GLY A 20 0.70 0.05 2.58
N CYS A 21 1.23 -1.06 2.09
CA CYS A 21 0.52 -2.33 2.12
C CYS A 21 0.52 -2.91 3.52
N LYS A 22 -0.67 -3.17 4.05
CA LYS A 22 -0.79 -3.73 5.40
C LYS A 22 -1.32 -5.17 5.35
N PHE A 23 -0.69 -6.05 6.12
CA PHE A 23 -1.10 -7.44 6.17
C PHE A 23 -2.57 -7.56 6.54
N ARG A 24 -3.29 -8.43 5.86
CA ARG A 24 -4.71 -8.64 6.12
C ARG A 24 -5.55 -7.58 5.39
N ASP A 25 -4.87 -6.58 4.83
CA ASP A 25 -5.55 -5.50 4.12
C ASP A 25 -5.90 -5.93 2.70
N LYS A 26 -4.92 -6.51 2.01
CA LYS A 26 -5.12 -6.97 0.63
C LYS A 26 -4.83 -5.87 -0.37
N TYR A 27 -5.11 -4.62 0.03
CA TYR A 27 -4.87 -3.48 -0.85
C TYR A 27 -3.85 -2.54 -0.24
N CYS A 28 -3.69 -1.37 -0.85
CA CYS A 28 -2.74 -0.37 -0.38
C CYS A 28 -3.48 0.77 0.31
N ALA A 29 -3.03 1.14 1.50
CA ALA A 29 -3.66 2.22 2.24
C ALA A 29 -2.65 3.33 2.52
N TRP A 30 -3.11 4.57 2.44
CA TRP A 30 -2.26 5.72 2.69
C TRP A 30 -1.27 5.40 3.82
N ASP A 31 -0.17 6.14 3.85
CA ASP A 31 0.85 5.97 4.88
C ASP A 31 0.39 6.54 6.21
N PHE A 32 -0.79 6.13 6.63
CA PHE A 32 -1.38 6.58 7.89
C PHE A 32 -0.30 6.90 8.92
N THR A 33 0.12 8.17 8.96
CA THR A 33 1.13 8.61 9.92
C THR A 33 1.59 10.03 9.61
N PHE A 34 1.85 10.80 10.65
CA PHE A 34 2.28 12.19 10.49
C PHE A 34 3.51 12.47 11.35
N SER A 35 4.57 11.66 11.16
CA SER A 35 5.80 11.83 11.91
C SER A 35 5.55 11.65 13.40
N GLU A 1 4.63 -0.31 -11.42
CA GLU A 1 4.87 -0.83 -10.05
C GLU A 1 4.49 0.19 -8.99
N CYS A 2 3.19 0.29 -8.72
CA CYS A 2 2.69 1.23 -7.72
C CYS A 2 1.17 1.20 -7.67
N ARG A 3 0.68 0.41 -6.73
CA ARG A 3 -0.73 0.27 -6.52
C ARG A 3 -1.26 1.36 -5.63
N TYR A 4 -1.84 2.36 -6.25
CA TYR A 4 -2.39 3.50 -5.54
C TYR A 4 -3.40 3.01 -4.51
N LEU A 5 -4.29 3.91 -4.07
CA LEU A 5 -5.31 3.56 -3.09
C LEU A 5 -6.15 2.37 -3.56
N PHE A 6 -6.40 1.42 -2.66
CA PHE A 6 -7.20 0.25 -2.98
C PHE A 6 -6.48 -0.63 -4.00
N GLY A 7 -5.19 -0.40 -4.17
CA GLY A 7 -4.41 -1.17 -5.12
C GLY A 7 -3.95 -2.50 -4.56
N GLY A 8 -4.25 -3.58 -5.27
CA GLY A 8 -3.84 -4.91 -4.82
C GLY A 8 -2.33 -5.04 -4.75
N CYS A 9 -1.81 -5.17 -3.54
CA CYS A 9 -0.37 -5.28 -3.33
C CYS A 9 -0.01 -6.62 -2.68
N LYS A 10 1.09 -7.20 -3.11
CA LYS A 10 1.56 -8.47 -2.56
C LYS A 10 2.33 -8.22 -1.27
N THR A 11 2.80 -6.99 -1.13
CA THR A 11 3.55 -6.57 0.05
C THR A 11 3.53 -5.06 0.17
N THR A 12 4.21 -4.55 1.18
CA THR A 12 4.28 -3.13 1.40
C THR A 12 5.04 -2.45 0.26
N SER A 13 5.99 -3.17 -0.31
CA SER A 13 6.79 -2.64 -1.40
C SER A 13 6.12 -2.90 -2.75
N ASP A 14 4.79 -3.04 -2.73
CA ASP A 14 4.03 -3.29 -3.95
C ASP A 14 3.07 -2.13 -4.25
N CYS A 15 3.13 -1.09 -3.42
CA CYS A 15 2.27 0.08 -3.60
C CYS A 15 3.08 1.32 -3.93
N CYS A 16 2.37 2.34 -4.36
CA CYS A 16 2.98 3.61 -4.73
C CYS A 16 3.82 4.19 -3.61
N LYS A 17 3.81 5.51 -3.50
CA LYS A 17 4.61 6.21 -2.51
C LYS A 17 3.85 6.45 -1.21
N HIS A 18 2.89 7.36 -1.28
CA HIS A 18 2.10 7.72 -0.12
C HIS A 18 1.31 6.54 0.42
N LEU A 19 1.29 5.45 -0.31
CA LEU A 19 0.55 4.27 0.11
C LEU A 19 1.45 3.21 0.74
N GLY A 20 0.81 2.28 1.44
CA GLY A 20 1.54 1.19 2.09
C GLY A 20 0.66 -0.04 2.23
N CYS A 21 1.21 -1.21 1.92
CA CYS A 21 0.45 -2.45 2.00
C CYS A 21 0.23 -2.88 3.45
N LYS A 22 -1.04 -2.93 3.86
CA LYS A 22 -1.38 -3.32 5.22
C LYS A 22 -2.24 -4.59 5.21
N PHE A 23 -1.73 -5.65 5.84
CA PHE A 23 -2.44 -6.92 5.90
C PHE A 23 -3.92 -6.69 6.21
N ARG A 24 -4.70 -7.77 6.17
CA ARG A 24 -6.13 -7.72 6.45
C ARG A 24 -6.94 -7.48 5.17
N ASP A 25 -6.52 -6.52 4.37
CA ASP A 25 -7.22 -6.22 3.12
C ASP A 25 -6.36 -6.57 1.91
N LYS A 26 -5.05 -6.44 2.06
CA LYS A 26 -4.13 -6.76 0.99
C LYS A 26 -3.94 -5.56 0.04
N TYR A 27 -4.82 -4.58 0.15
CA TYR A 27 -4.75 -3.39 -0.70
C TYR A 27 -3.73 -2.40 -0.15
N CYS A 28 -3.77 -1.19 -0.70
CA CYS A 28 -2.86 -0.14 -0.27
C CYS A 28 -3.61 1.02 0.37
N ALA A 29 -3.03 1.59 1.41
CA ALA A 29 -3.63 2.71 2.12
C ALA A 29 -2.58 3.75 2.50
N TRP A 30 -2.98 5.01 2.51
CA TRP A 30 -2.06 6.09 2.85
C TRP A 30 -1.24 5.75 4.08
N ASP A 31 0.00 6.21 4.09
CA ASP A 31 0.90 5.96 5.21
C ASP A 31 2.29 6.49 4.91
N PHE A 32 2.43 7.82 4.96
CA PHE A 32 3.70 8.47 4.71
C PHE A 32 3.52 9.98 4.58
N THR A 33 3.64 10.68 5.70
CA THR A 33 3.50 12.13 5.71
C THR A 33 4.67 12.78 6.44
N PHE A 34 5.04 13.98 6.01
CA PHE A 34 6.15 14.70 6.62
C PHE A 34 7.47 13.97 6.38
N SER A 35 8.47 14.30 7.19
CA SER A 35 9.77 13.67 7.06
C SER A 35 9.77 12.26 7.64
N GLU A 1 5.70 -0.21 -11.21
CA GLU A 1 4.79 -0.79 -10.21
C GLU A 1 4.45 0.23 -9.12
N CYS A 2 3.19 0.26 -8.72
CA CYS A 2 2.73 1.18 -7.68
C CYS A 2 1.22 1.14 -7.55
N ARG A 3 0.78 0.33 -6.61
CA ARG A 3 -0.62 0.17 -6.34
C ARG A 3 -1.14 1.35 -5.53
N TYR A 4 -1.82 2.24 -6.23
CA TYR A 4 -2.38 3.42 -5.60
C TYR A 4 -3.30 3.01 -4.47
N LEU A 5 -4.24 3.88 -4.13
CA LEU A 5 -5.20 3.60 -3.07
C LEU A 5 -6.24 2.59 -3.51
N PHE A 6 -6.34 1.49 -2.76
CA PHE A 6 -7.29 0.43 -3.08
C PHE A 6 -6.73 -0.51 -4.14
N GLY A 7 -5.42 -0.56 -4.26
CA GLY A 7 -4.79 -1.42 -5.23
C GLY A 7 -4.20 -2.68 -4.60
N GLY A 8 -4.45 -3.82 -5.22
CA GLY A 8 -3.93 -5.07 -4.70
C GLY A 8 -2.42 -5.08 -4.61
N CYS A 9 -1.90 -5.38 -3.42
CA CYS A 9 -0.45 -5.41 -3.22
C CYS A 9 -0.01 -6.73 -2.59
N LYS A 10 1.11 -7.26 -3.07
CA LYS A 10 1.65 -8.51 -2.54
C LYS A 10 2.37 -8.24 -1.23
N THR A 11 2.82 -7.01 -1.08
CA THR A 11 3.52 -6.57 0.11
C THR A 11 3.47 -5.05 0.21
N THR A 12 4.17 -4.50 1.19
CA THR A 12 4.21 -3.06 1.36
C THR A 12 5.02 -2.42 0.24
N SER A 13 5.96 -3.19 -0.29
CA SER A 13 6.82 -2.72 -1.36
C SER A 13 6.16 -2.90 -2.72
N ASP A 14 4.84 -3.04 -2.73
CA ASP A 14 4.10 -3.22 -3.97
C ASP A 14 3.14 -2.06 -4.21
N CYS A 15 3.28 -1.00 -3.41
CA CYS A 15 2.41 0.17 -3.56
C CYS A 15 3.19 1.42 -3.91
N CYS A 16 2.46 2.43 -4.34
CA CYS A 16 3.03 3.70 -4.73
C CYS A 16 3.87 4.34 -3.64
N LYS A 17 3.79 5.64 -3.52
CA LYS A 17 4.57 6.39 -2.56
C LYS A 17 3.84 6.56 -1.24
N HIS A 18 2.86 7.44 -1.26
CA HIS A 18 2.09 7.75 -0.07
C HIS A 18 1.32 6.54 0.45
N LEU A 19 1.31 5.48 -0.33
CA LEU A 19 0.59 4.27 0.05
C LEU A 19 1.50 3.22 0.66
N GLY A 20 0.88 2.26 1.35
CA GLY A 20 1.61 1.20 1.99
C GLY A 20 0.72 -0.02 2.24
N CYS A 21 1.22 -1.19 1.88
CA CYS A 21 0.45 -2.42 2.06
C CYS A 21 0.44 -2.83 3.53
N LYS A 22 -0.75 -2.88 4.12
CA LYS A 22 -0.89 -3.24 5.52
C LYS A 22 -1.17 -4.75 5.70
N PHE A 23 -0.81 -5.26 6.87
CA PHE A 23 -1.00 -6.67 7.18
C PHE A 23 -2.25 -7.23 6.51
N ARG A 24 -2.06 -8.27 5.70
CA ARG A 24 -3.16 -8.92 5.00
C ARG A 24 -4.28 -7.93 4.68
N ASP A 25 -3.91 -6.71 4.32
CA ASP A 25 -4.88 -5.68 3.99
C ASP A 25 -5.47 -5.93 2.61
N LYS A 26 -4.69 -6.58 1.75
CA LYS A 26 -5.13 -6.90 0.40
C LYS A 26 -4.85 -5.74 -0.56
N TYR A 27 -5.06 -4.51 -0.08
CA TYR A 27 -4.83 -3.34 -0.91
C TYR A 27 -3.80 -2.41 -0.27
N CYS A 28 -3.69 -1.21 -0.82
CA CYS A 28 -2.73 -0.22 -0.32
C CYS A 28 -3.47 0.96 0.31
N ALA A 29 -3.06 1.34 1.52
CA ALA A 29 -3.67 2.46 2.21
C ALA A 29 -2.66 3.54 2.52
N TRP A 30 -3.09 4.79 2.45
CA TRP A 30 -2.22 5.92 2.73
C TRP A 30 -1.30 5.62 3.91
N ASP A 31 -0.13 6.26 3.90
CA ASP A 31 0.85 6.08 4.98
C ASP A 31 1.82 4.96 4.63
N PHE A 32 2.98 5.34 4.10
CA PHE A 32 4.00 4.38 3.73
C PHE A 32 4.87 4.00 4.93
N THR A 33 5.10 2.71 5.10
CA THR A 33 5.91 2.21 6.21
C THR A 33 7.36 1.99 5.78
N PHE A 34 8.26 1.96 6.75
CA PHE A 34 9.68 1.75 6.47
C PHE A 34 10.12 2.55 5.24
N SER A 35 10.14 3.87 5.37
CA SER A 35 10.56 4.74 4.27
C SER A 35 12.06 4.96 4.30
N GLU A 1 6.04 0.13 -11.23
CA GLU A 1 4.87 -0.40 -10.48
C GLU A 1 4.49 0.52 -9.32
N CYS A 2 3.22 0.48 -8.94
CA CYS A 2 2.73 1.30 -7.84
C CYS A 2 1.22 1.25 -7.76
N ARG A 3 0.74 0.40 -6.86
CA ARG A 3 -0.68 0.24 -6.65
C ARG A 3 -1.20 1.37 -5.78
N TYR A 4 -1.83 2.33 -6.43
CA TYR A 4 -2.37 3.48 -5.75
C TYR A 4 -3.32 3.04 -4.64
N LEU A 5 -4.23 3.93 -4.27
CA LEU A 5 -5.21 3.64 -3.22
C LEU A 5 -6.13 2.50 -3.61
N PHE A 6 -6.27 1.51 -2.72
CA PHE A 6 -7.13 0.36 -2.95
C PHE A 6 -6.57 -0.56 -4.04
N GLY A 7 -5.27 -0.47 -4.29
CA GLY A 7 -4.66 -1.30 -5.30
C GLY A 7 -4.15 -2.61 -4.74
N GLY A 8 -4.39 -3.70 -5.47
CA GLY A 8 -3.93 -5.00 -5.02
C GLY A 8 -2.43 -5.03 -4.80
N CYS A 9 -2.02 -5.40 -3.59
CA CYS A 9 -0.59 -5.45 -3.26
C CYS A 9 -0.27 -6.64 -2.36
N LYS A 10 0.79 -7.36 -2.70
CA LYS A 10 1.22 -8.52 -1.91
C LYS A 10 2.23 -8.08 -0.86
N THR A 11 2.76 -6.88 -1.04
CA THR A 11 3.76 -6.35 -0.12
C THR A 11 3.66 -4.84 0.00
N THR A 12 4.27 -4.30 1.04
CA THR A 12 4.27 -2.87 1.25
C THR A 12 5.04 -2.18 0.13
N SER A 13 6.05 -2.88 -0.37
CA SER A 13 6.88 -2.36 -1.45
C SER A 13 6.21 -2.58 -2.80
N ASP A 14 4.96 -3.04 -2.77
CA ASP A 14 4.22 -3.31 -4.00
C ASP A 14 3.24 -2.18 -4.33
N CYS A 15 3.22 -1.15 -3.50
CA CYS A 15 2.32 -0.02 -3.72
C CYS A 15 3.09 1.26 -4.00
N CYS A 16 2.36 2.29 -4.37
CA CYS A 16 2.93 3.59 -4.69
C CYS A 16 3.77 4.14 -3.55
N LYS A 17 3.77 5.44 -3.41
CA LYS A 17 4.57 6.11 -2.39
C LYS A 17 3.81 6.32 -1.10
N HIS A 18 2.86 7.24 -1.15
CA HIS A 18 2.08 7.59 0.01
C HIS A 18 1.28 6.40 0.54
N LEU A 19 1.23 5.34 -0.24
CA LEU A 19 0.49 4.15 0.14
C LEU A 19 1.37 3.10 0.81
N GLY A 20 0.74 2.23 1.57
CA GLY A 20 1.44 1.17 2.26
C GLY A 20 0.61 -0.09 2.36
N CYS A 21 1.16 -1.21 1.88
CA CYS A 21 0.44 -2.47 1.90
C CYS A 21 0.26 -2.98 3.33
N LYS A 22 -0.89 -2.71 3.91
CA LYS A 22 -1.19 -3.15 5.28
C LYS A 22 -1.79 -4.55 5.26
N PHE A 23 -1.91 -5.14 6.45
CA PHE A 23 -2.46 -6.47 6.58
C PHE A 23 -3.97 -6.44 6.76
N ARG A 24 -4.64 -5.64 5.94
CA ARG A 24 -6.09 -5.52 6.02
C ARG A 24 -6.76 -6.26 4.86
N ASP A 25 -7.01 -5.55 3.77
CA ASP A 25 -7.63 -6.16 2.60
C ASP A 25 -6.63 -6.26 1.45
N LYS A 26 -5.45 -6.77 1.76
CA LYS A 26 -4.38 -6.93 0.78
C LYS A 26 -4.36 -5.76 -0.20
N TYR A 27 -4.72 -4.57 0.27
CA TYR A 27 -4.71 -3.38 -0.58
C TYR A 27 -3.66 -2.39 -0.11
N CYS A 28 -3.70 -1.19 -0.69
CA CYS A 28 -2.74 -0.15 -0.34
C CYS A 28 -3.45 1.05 0.30
N ALA A 29 -3.00 1.44 1.48
CA ALA A 29 -3.58 2.57 2.19
C ALA A 29 -2.52 3.60 2.56
N TRP A 30 -2.88 4.88 2.52
CA TRP A 30 -1.96 5.95 2.85
C TRP A 30 -1.13 5.61 4.07
N ASP A 31 0.11 6.08 4.08
CA ASP A 31 1.03 5.84 5.20
C ASP A 31 1.69 4.48 5.10
N PHE A 32 2.91 4.46 4.56
CA PHE A 32 3.65 3.22 4.39
C PHE A 32 4.44 2.90 5.67
N THR A 33 3.73 2.91 6.80
CA THR A 33 4.36 2.61 8.09
C THR A 33 3.86 1.28 8.63
N PHE A 34 2.69 0.87 8.17
CA PHE A 34 2.09 -0.39 8.59
C PHE A 34 2.24 -0.60 10.10
N SER A 35 1.89 -1.79 10.56
CA SER A 35 1.98 -2.13 11.98
C SER A 35 2.34 -3.60 12.17
N GLU A 1 4.61 -1.26 -11.15
CA GLU A 1 3.20 -0.82 -11.26
C GLU A 1 2.64 -0.43 -9.89
N CYS A 2 3.25 0.60 -9.29
CA CYS A 2 2.83 1.08 -7.98
C CYS A 2 1.31 1.13 -7.87
N ARG A 3 0.79 0.33 -6.97
CA ARG A 3 -0.63 0.25 -6.73
C ARG A 3 -1.08 1.38 -5.84
N TYR A 4 -1.76 2.33 -6.44
CA TYR A 4 -2.27 3.48 -5.72
C TYR A 4 -3.20 3.02 -4.60
N LEU A 5 -4.08 3.91 -4.17
CA LEU A 5 -5.03 3.59 -3.11
C LEU A 5 -6.07 2.59 -3.59
N PHE A 6 -6.22 1.50 -2.82
CA PHE A 6 -7.18 0.45 -3.15
C PHE A 6 -6.60 -0.49 -4.21
N GLY A 7 -5.28 -0.47 -4.37
CA GLY A 7 -4.64 -1.33 -5.35
C GLY A 7 -4.06 -2.58 -4.73
N GLY A 8 -4.43 -3.74 -5.27
CA GLY A 8 -3.93 -5.00 -4.76
C GLY A 8 -2.42 -5.00 -4.61
N CYS A 9 -1.95 -5.43 -3.43
CA CYS A 9 -0.52 -5.47 -3.16
C CYS A 9 -0.15 -6.66 -2.28
N LYS A 10 0.88 -7.39 -2.67
CA LYS A 10 1.34 -8.54 -1.90
C LYS A 10 2.19 -8.09 -0.73
N THR A 11 2.74 -6.90 -0.86
CA THR A 11 3.57 -6.31 0.18
C THR A 11 3.49 -4.80 0.15
N THR A 12 4.25 -4.16 1.03
CA THR A 12 4.28 -2.71 1.09
C THR A 12 5.05 -2.13 -0.08
N SER A 13 6.00 -2.91 -0.59
CA SER A 13 6.81 -2.49 -1.71
C SER A 13 6.08 -2.73 -3.04
N ASP A 14 4.82 -3.15 -2.94
CA ASP A 14 4.01 -3.43 -4.12
C ASP A 14 3.04 -2.28 -4.39
N CYS A 15 3.25 -1.16 -3.71
CA CYS A 15 2.37 -0.01 -3.87
C CYS A 15 3.16 1.26 -4.19
N CYS A 16 2.44 2.36 -4.30
CA CYS A 16 3.02 3.65 -4.61
C CYS A 16 3.82 4.24 -3.46
N LYS A 17 3.81 5.55 -3.35
CA LYS A 17 4.58 6.25 -2.32
C LYS A 17 3.79 6.46 -1.05
N HIS A 18 2.82 7.36 -1.12
CA HIS A 18 1.99 7.67 0.02
C HIS A 18 1.26 6.45 0.55
N LEU A 19 1.28 5.38 -0.23
CA LEU A 19 0.58 4.16 0.15
C LEU A 19 1.49 3.15 0.82
N GLY A 20 0.88 2.38 1.73
CA GLY A 20 1.59 1.34 2.45
C GLY A 20 0.75 0.09 2.56
N CYS A 21 1.25 -1.02 2.04
CA CYS A 21 0.52 -2.27 2.06
C CYS A 21 0.50 -2.87 3.46
N LYS A 22 -0.66 -3.32 3.90
CA LYS A 22 -0.79 -3.92 5.23
C LYS A 22 -0.43 -5.40 5.17
N PHE A 23 -0.04 -5.96 6.30
CA PHE A 23 0.34 -7.37 6.37
C PHE A 23 -0.47 -8.23 5.40
N ARG A 24 0.06 -8.40 4.19
CA ARG A 24 -0.61 -9.19 3.16
C ARG A 24 -2.12 -9.06 3.26
N ASP A 25 -2.58 -7.86 3.60
CA ASP A 25 -4.01 -7.60 3.73
C ASP A 25 -4.73 -7.83 2.40
N LYS A 26 -4.62 -6.87 1.49
CA LYS A 26 -5.25 -6.98 0.18
C LYS A 26 -4.91 -5.79 -0.72
N TYR A 27 -5.15 -4.58 -0.22
CA TYR A 27 -4.88 -3.38 -1.00
C TYR A 27 -3.85 -2.49 -0.31
N CYS A 28 -3.68 -1.30 -0.88
CA CYS A 28 -2.74 -0.32 -0.34
C CYS A 28 -3.46 0.81 0.37
N ALA A 29 -2.99 1.16 1.57
CA ALA A 29 -3.60 2.23 2.35
C ALA A 29 -2.59 3.33 2.63
N TRP A 30 -3.06 4.57 2.60
CA TRP A 30 -2.19 5.72 2.86
C TRP A 30 -1.30 5.45 4.07
N ASP A 31 -0.12 6.08 4.06
CA ASP A 31 0.87 5.94 5.12
C ASP A 31 2.10 5.19 4.63
N PHE A 32 3.07 5.94 4.14
CA PHE A 32 4.30 5.36 3.62
C PHE A 32 4.98 4.50 4.68
N THR A 33 5.48 3.35 4.25
CA THR A 33 6.15 2.42 5.16
C THR A 33 5.14 1.77 6.11
N PHE A 34 5.65 1.20 7.19
CA PHE A 34 4.81 0.54 8.18
C PHE A 34 5.60 0.21 9.44
N SER A 35 6.53 -0.73 9.32
CA SER A 35 7.36 -1.12 10.45
C SER A 35 6.56 -2.00 11.42
N GLU A 1 3.42 -1.52 -11.52
CA GLU A 1 4.36 -0.48 -10.99
C GLU A 1 3.66 0.47 -10.04
N CYS A 2 3.55 0.07 -8.78
CA CYS A 2 2.90 0.89 -7.75
C CYS A 2 1.39 0.76 -7.84
N ARG A 3 0.78 0.67 -6.68
CA ARG A 3 -0.64 0.54 -6.56
C ARG A 3 -1.21 1.64 -5.69
N TYR A 4 -1.84 2.59 -6.34
CA TYR A 4 -2.42 3.71 -5.64
C TYR A 4 -3.42 3.21 -4.60
N LEU A 5 -4.27 4.10 -4.13
CA LEU A 5 -5.27 3.74 -3.12
C LEU A 5 -6.20 2.63 -3.62
N PHE A 6 -6.36 1.59 -2.80
CA PHE A 6 -7.23 0.46 -3.15
C PHE A 6 -6.56 -0.46 -4.18
N GLY A 7 -5.25 -0.31 -4.35
CA GLY A 7 -4.53 -1.15 -5.29
C GLY A 7 -4.02 -2.43 -4.65
N GLY A 8 -4.37 -3.57 -5.24
CA GLY A 8 -3.93 -4.84 -4.71
C GLY A 8 -2.42 -4.92 -4.58
N CYS A 9 -1.95 -5.32 -3.40
CA CYS A 9 -0.51 -5.43 -3.15
C CYS A 9 -0.18 -6.69 -2.37
N LYS A 10 0.93 -7.33 -2.75
CA LYS A 10 1.37 -8.55 -2.08
C LYS A 10 2.25 -8.19 -0.88
N THR A 11 2.82 -6.99 -0.94
CA THR A 11 3.68 -6.49 0.14
C THR A 11 3.57 -4.97 0.21
N THR A 12 4.35 -4.39 1.11
CA THR A 12 4.35 -2.95 1.27
C THR A 12 5.11 -2.30 0.12
N SER A 13 6.08 -3.03 -0.43
CA SER A 13 6.88 -2.53 -1.53
C SER A 13 6.19 -2.75 -2.86
N ASP A 14 4.93 -3.19 -2.81
CA ASP A 14 4.16 -3.44 -4.01
C ASP A 14 3.22 -2.29 -4.31
N CYS A 15 3.23 -1.27 -3.48
CA CYS A 15 2.36 -0.11 -3.67
C CYS A 15 3.16 1.13 -4.04
N CYS A 16 2.44 2.20 -4.30
CA CYS A 16 3.02 3.47 -4.69
C CYS A 16 3.81 4.11 -3.55
N LYS A 17 3.78 5.43 -3.51
CA LYS A 17 4.54 6.18 -2.51
C LYS A 17 3.74 6.46 -1.26
N HIS A 18 2.74 7.32 -1.40
CA HIS A 18 1.91 7.72 -0.28
C HIS A 18 1.18 6.53 0.32
N LEU A 19 1.22 5.39 -0.35
CA LEU A 19 0.55 4.20 0.12
C LEU A 19 1.48 3.22 0.81
N GLY A 20 0.87 2.24 1.47
CA GLY A 20 1.61 1.22 2.17
C GLY A 20 0.77 -0.03 2.39
N CYS A 21 1.31 -1.18 2.01
CA CYS A 21 0.60 -2.44 2.14
C CYS A 21 0.66 -2.96 3.58
N LYS A 22 -0.46 -3.50 4.05
CA LYS A 22 -0.53 -4.03 5.41
C LYS A 22 -0.22 -5.53 5.42
N PHE A 23 0.05 -6.06 6.61
CA PHE A 23 0.37 -7.47 6.77
C PHE A 23 -0.45 -8.32 5.79
N ARG A 24 0.12 -8.58 4.62
CA ARG A 24 -0.56 -9.38 3.61
C ARG A 24 -2.05 -9.10 3.61
N ASP A 25 -2.39 -7.84 3.77
CA ASP A 25 -3.79 -7.41 3.79
C ASP A 25 -4.49 -7.76 2.48
N LYS A 26 -4.38 -6.87 1.50
CA LYS A 26 -5.01 -7.09 0.21
C LYS A 26 -4.80 -5.89 -0.71
N TYR A 27 -5.05 -4.69 -0.17
CA TYR A 27 -4.89 -3.46 -0.95
C TYR A 27 -3.84 -2.56 -0.33
N CYS A 28 -3.77 -1.34 -0.83
CA CYS A 28 -2.83 -0.35 -0.33
C CYS A 28 -3.55 0.79 0.35
N ALA A 29 -3.04 1.19 1.50
CA ALA A 29 -3.64 2.30 2.26
C ALA A 29 -2.60 3.37 2.56
N TRP A 30 -3.06 4.62 2.62
CA TRP A 30 -2.16 5.75 2.88
C TRP A 30 -1.27 5.46 4.08
N ASP A 31 -0.08 6.07 4.08
CA ASP A 31 0.88 5.89 5.15
C ASP A 31 2.28 6.23 4.66
N PHE A 32 2.77 7.39 5.10
CA PHE A 32 4.09 7.90 4.73
C PHE A 32 3.96 9.10 3.81
N THR A 33 4.41 10.26 4.29
CA THR A 33 4.32 11.50 3.52
C THR A 33 5.69 12.12 3.29
N PHE A 34 6.70 11.63 3.99
CA PHE A 34 8.05 12.15 3.85
C PHE A 34 9.05 11.02 3.60
N SER A 35 9.66 11.04 2.42
CA SER A 35 10.64 10.03 2.04
C SER A 35 12.05 10.59 2.10
N GLU A 1 3.93 0.82 -12.67
CA GLU A 1 3.81 0.06 -11.40
C GLU A 1 3.36 0.97 -10.26
N CYS A 2 3.23 0.38 -9.07
CA CYS A 2 2.81 1.12 -7.88
C CYS A 2 1.29 1.17 -7.76
N ARG A 3 0.80 0.33 -6.87
CA ARG A 3 -0.62 0.24 -6.62
C ARG A 3 -1.08 1.40 -5.76
N TYR A 4 -1.77 2.32 -6.41
CA TYR A 4 -2.28 3.50 -5.73
C TYR A 4 -3.23 3.10 -4.60
N LEU A 5 -4.10 4.00 -4.24
CA LEU A 5 -5.08 3.75 -3.18
C LEU A 5 -6.03 2.62 -3.57
N PHE A 6 -6.10 1.59 -2.73
CA PHE A 6 -6.97 0.44 -2.97
C PHE A 6 -6.44 -0.43 -4.10
N GLY A 7 -5.12 -0.48 -4.25
CA GLY A 7 -4.51 -1.29 -5.28
C GLY A 7 -3.94 -2.58 -4.74
N GLY A 8 -4.42 -3.71 -5.24
CA GLY A 8 -3.93 -4.99 -4.78
C GLY A 8 -2.42 -5.00 -4.61
N CYS A 9 -1.95 -5.40 -3.43
CA CYS A 9 -0.52 -5.44 -3.15
C CYS A 9 -0.15 -6.64 -2.29
N LYS A 10 0.89 -7.36 -2.71
CA LYS A 10 1.37 -8.53 -1.98
C LYS A 10 2.24 -8.07 -0.81
N THR A 11 2.71 -6.84 -0.90
CA THR A 11 3.55 -6.25 0.15
C THR A 11 3.44 -4.74 0.11
N THR A 12 4.22 -4.10 0.96
CA THR A 12 4.23 -2.65 1.03
C THR A 12 4.99 -2.07 -0.16
N SER A 13 5.96 -2.83 -0.66
CA SER A 13 6.76 -2.42 -1.79
C SER A 13 6.00 -2.59 -3.10
N ASP A 14 4.84 -3.23 -3.02
CA ASP A 14 4.02 -3.46 -4.20
C ASP A 14 3.05 -2.31 -4.43
N CYS A 15 3.25 -1.21 -3.69
CA CYS A 15 2.38 -0.04 -3.83
C CYS A 15 3.18 1.22 -4.14
N CYS A 16 2.45 2.30 -4.34
CA CYS A 16 3.04 3.59 -4.67
C CYS A 16 3.86 4.16 -3.52
N LYS A 17 3.83 5.48 -3.39
CA LYS A 17 4.61 6.17 -2.38
C LYS A 17 3.83 6.37 -1.09
N HIS A 18 2.85 7.25 -1.15
CA HIS A 18 2.04 7.59 0.00
C HIS A 18 1.27 6.38 0.53
N LEU A 19 1.30 5.30 -0.21
CA LEU A 19 0.57 4.09 0.18
C LEU A 19 1.43 3.06 0.89
N GLY A 20 0.82 2.38 1.84
CA GLY A 20 1.49 1.33 2.59
C GLY A 20 0.65 0.07 2.66
N CYS A 21 1.16 -1.03 2.12
CA CYS A 21 0.43 -2.28 2.11
C CYS A 21 0.33 -2.88 3.51
N LYS A 22 -0.89 -2.99 4.00
CA LYS A 22 -1.14 -3.55 5.34
C LYS A 22 -1.79 -4.92 5.25
N PHE A 23 -1.15 -5.91 5.88
CA PHE A 23 -1.66 -7.27 5.87
C PHE A 23 -3.03 -7.35 6.52
N ARG A 24 -4.07 -7.37 5.68
CA ARG A 24 -5.44 -7.44 6.18
C ARG A 24 -6.44 -7.01 5.10
N ASP A 25 -6.25 -5.80 4.60
CA ASP A 25 -7.15 -5.25 3.57
C ASP A 25 -6.79 -5.78 2.19
N LYS A 26 -5.59 -6.34 2.06
CA LYS A 26 -5.10 -6.90 0.79
C LYS A 26 -4.77 -5.81 -0.23
N TYR A 27 -5.06 -4.55 0.11
CA TYR A 27 -4.78 -3.44 -0.78
C TYR A 27 -3.78 -2.47 -0.16
N CYS A 28 -3.59 -1.34 -0.81
CA CYS A 28 -2.67 -0.33 -0.32
C CYS A 28 -3.42 0.82 0.35
N ALA A 29 -3.05 1.10 1.59
CA ALA A 29 -3.68 2.18 2.34
C ALA A 29 -2.70 3.32 2.57
N TRP A 30 -3.21 4.54 2.48
CA TRP A 30 -2.38 5.72 2.68
C TRP A 30 -1.36 5.48 3.80
N ASP A 31 -0.28 6.25 3.78
CA ASP A 31 0.77 6.13 4.78
C ASP A 31 0.31 6.68 6.12
N PHE A 32 -0.82 6.20 6.58
CA PHE A 32 -1.39 6.62 7.86
C PHE A 32 -0.31 6.80 8.91
N THR A 33 0.24 8.00 8.99
CA THR A 33 1.29 8.31 9.96
C THR A 33 1.34 9.80 10.25
N PHE A 34 1.83 10.15 11.44
CA PHE A 34 1.93 11.56 11.84
C PHE A 34 3.40 11.98 11.94
N SER A 35 4.01 12.24 10.80
CA SER A 35 5.41 12.66 10.76
C SER A 35 6.33 11.51 11.14
N GLU A 1 4.86 0.33 -11.60
CA GLU A 1 4.87 -0.40 -10.31
C GLU A 1 4.46 0.51 -9.16
N CYS A 2 3.16 0.60 -8.91
CA CYS A 2 2.65 1.43 -7.84
C CYS A 2 1.13 1.35 -7.77
N ARG A 3 0.68 0.53 -6.83
CA ARG A 3 -0.73 0.34 -6.62
C ARG A 3 -1.27 1.45 -5.75
N TYR A 4 -1.86 2.42 -6.41
CA TYR A 4 -2.42 3.58 -5.72
C TYR A 4 -3.38 3.11 -4.63
N LEU A 5 -4.18 4.02 -4.11
CA LEU A 5 -5.14 3.68 -3.07
C LEU A 5 -6.08 2.58 -3.53
N PHE A 6 -6.28 1.57 -2.68
CA PHE A 6 -7.16 0.46 -3.00
C PHE A 6 -6.54 -0.46 -4.05
N GLY A 7 -5.23 -0.30 -4.27
CA GLY A 7 -4.53 -1.14 -5.24
C GLY A 7 -4.01 -2.41 -4.62
N GLY A 8 -4.31 -3.55 -5.27
CA GLY A 8 -3.84 -4.83 -4.76
C GLY A 8 -2.34 -4.89 -4.62
N CYS A 9 -1.86 -5.27 -3.43
CA CYS A 9 -0.43 -5.37 -3.17
C CYS A 9 -0.10 -6.62 -2.36
N LYS A 10 0.97 -7.29 -2.76
CA LYS A 10 1.41 -8.51 -2.07
C LYS A 10 2.21 -8.16 -0.83
N THR A 11 2.76 -6.95 -0.84
CA THR A 11 3.54 -6.46 0.29
C THR A 11 3.59 -4.94 0.28
N THR A 12 4.31 -4.39 1.23
CA THR A 12 4.45 -2.93 1.33
C THR A 12 5.19 -2.40 0.11
N SER A 13 6.13 -3.20 -0.40
CA SER A 13 6.90 -2.82 -1.56
C SER A 13 6.17 -3.18 -2.85
N ASP A 14 4.86 -2.96 -2.86
CA ASP A 14 4.03 -3.27 -4.02
C ASP A 14 3.03 -2.14 -4.27
N CYS A 15 3.23 -1.02 -3.60
CA CYS A 15 2.34 0.13 -3.74
C CYS A 15 3.09 1.41 -4.05
N CYS A 16 2.33 2.44 -4.39
CA CYS A 16 2.87 3.74 -4.73
C CYS A 16 3.72 4.33 -3.61
N LYS A 17 3.68 5.64 -3.49
CA LYS A 17 4.48 6.35 -2.50
C LYS A 17 3.74 6.55 -1.19
N HIS A 18 2.75 7.42 -1.21
CA HIS A 18 1.98 7.74 -0.02
C HIS A 18 1.24 6.52 0.52
N LEU A 19 1.23 5.45 -0.24
CA LEU A 19 0.54 4.23 0.17
C LEU A 19 1.47 3.21 0.81
N GLY A 20 0.88 2.36 1.63
CA GLY A 20 1.62 1.31 2.30
C GLY A 20 0.80 0.05 2.42
N CYS A 21 1.36 -1.09 2.01
CA CYS A 21 0.64 -2.35 2.07
C CYS A 21 0.53 -2.85 3.51
N LYS A 22 -0.68 -3.25 3.90
CA LYS A 22 -0.91 -3.75 5.25
C LYS A 22 -0.59 -5.24 5.35
N PHE A 23 -0.62 -5.75 6.58
CA PHE A 23 -0.33 -7.17 6.83
C PHE A 23 -1.16 -8.06 5.91
N ARG A 24 -0.65 -8.30 4.71
CA ARG A 24 -1.33 -9.14 3.73
C ARG A 24 -2.80 -8.77 3.62
N ASP A 25 -3.12 -7.52 3.95
CA ASP A 25 -4.50 -7.05 3.87
C ASP A 25 -5.12 -7.42 2.54
N LYS A 26 -4.64 -6.79 1.47
CA LYS A 26 -5.16 -7.06 0.14
C LYS A 26 -4.85 -5.89 -0.80
N TYR A 27 -5.10 -4.68 -0.32
CA TYR A 27 -4.86 -3.48 -1.12
C TYR A 27 -3.86 -2.57 -0.44
N CYS A 28 -3.73 -1.36 -0.96
CA CYS A 28 -2.80 -0.37 -0.42
C CYS A 28 -3.55 0.74 0.30
N ALA A 29 -3.00 1.18 1.44
CA ALA A 29 -3.61 2.24 2.21
C ALA A 29 -2.61 3.35 2.50
N TRP A 30 -3.10 4.59 2.51
CA TRP A 30 -2.24 5.73 2.78
C TRP A 30 -1.19 5.39 3.84
N ASP A 31 -0.12 6.17 3.88
CA ASP A 31 0.95 5.97 4.84
C ASP A 31 0.53 6.38 6.25
N PHE A 32 -0.63 5.90 6.66
CA PHE A 32 -1.17 6.21 7.98
C PHE A 32 -0.09 6.11 9.06
N THR A 33 0.14 7.22 9.77
CA THR A 33 1.15 7.24 10.82
C THR A 33 0.53 6.94 12.17
N PHE A 34 -0.60 7.58 12.43
CA PHE A 34 -1.32 7.39 13.68
C PHE A 34 -0.36 7.26 14.86
N SER A 35 -0.85 6.76 15.99
CA SER A 35 -0.04 6.59 17.18
C SER A 35 -0.31 5.24 17.84
N GLU A 1 5.86 -0.71 -11.03
CA GLU A 1 4.42 -0.44 -10.79
C GLU A 1 4.20 0.36 -9.51
N CYS A 2 2.95 0.44 -9.08
CA CYS A 2 2.61 1.18 -7.87
C CYS A 2 1.10 1.18 -7.66
N ARG A 3 0.68 0.33 -6.74
CA ARG A 3 -0.73 0.20 -6.43
C ARG A 3 -1.20 1.37 -5.60
N TYR A 4 -1.84 2.30 -6.29
CA TYR A 4 -2.38 3.49 -5.65
C TYR A 4 -3.33 3.09 -4.54
N LEU A 5 -4.24 3.99 -4.21
CA LEU A 5 -5.23 3.72 -3.17
C LEU A 5 -6.22 2.66 -3.62
N PHE A 6 -6.25 1.54 -2.91
CA PHE A 6 -7.16 0.45 -3.24
C PHE A 6 -6.55 -0.47 -4.30
N GLY A 7 -5.23 -0.58 -4.31
CA GLY A 7 -4.57 -1.43 -5.28
C GLY A 7 -4.05 -2.72 -4.67
N GLY A 8 -4.36 -3.84 -5.31
CA GLY A 8 -3.91 -5.12 -4.80
C GLY A 8 -2.40 -5.22 -4.70
N CYS A 9 -1.88 -5.36 -3.49
CA CYS A 9 -0.45 -5.45 -3.27
C CYS A 9 -0.08 -6.71 -2.49
N LYS A 10 1.04 -7.32 -2.86
CA LYS A 10 1.50 -8.53 -2.18
C LYS A 10 2.31 -8.15 -0.95
N THR A 11 2.82 -6.92 -0.96
CA THR A 11 3.62 -6.40 0.14
C THR A 11 3.54 -4.88 0.18
N THR A 12 4.30 -4.28 1.08
CA THR A 12 4.33 -2.84 1.20
C THR A 12 5.10 -2.23 0.03
N SER A 13 6.04 -2.99 -0.51
CA SER A 13 6.85 -2.54 -1.63
C SER A 13 6.13 -2.77 -2.95
N ASP A 14 4.84 -3.08 -2.88
CA ASP A 14 4.04 -3.33 -4.07
C ASP A 14 3.08 -2.17 -4.34
N CYS A 15 3.18 -1.11 -3.54
CA CYS A 15 2.31 0.05 -3.72
C CYS A 15 3.11 1.31 -4.06
N CYS A 16 2.38 2.38 -4.32
CA CYS A 16 2.97 3.66 -4.69
C CYS A 16 3.84 4.24 -3.58
N LYS A 17 3.78 5.55 -3.42
CA LYS A 17 4.60 6.24 -2.44
C LYS A 17 3.91 6.37 -1.10
N HIS A 18 2.96 7.27 -1.05
CA HIS A 18 2.23 7.53 0.18
C HIS A 18 1.40 6.33 0.62
N LEU A 19 1.33 5.33 -0.25
CA LEU A 19 0.56 4.13 0.03
C LEU A 19 1.41 3.03 0.64
N GLY A 20 0.89 2.43 1.71
CA GLY A 20 1.58 1.35 2.37
C GLY A 20 0.71 0.10 2.45
N CYS A 21 1.26 -1.03 2.02
CA CYS A 21 0.51 -2.29 2.04
C CYS A 21 0.46 -2.87 3.44
N LYS A 22 -0.57 -3.68 3.70
CA LYS A 22 -0.74 -4.31 5.01
C LYS A 22 -1.17 -5.77 4.85
N PHE A 23 -0.32 -6.68 5.31
CA PHE A 23 -0.61 -8.11 5.23
C PHE A 23 -1.98 -8.43 5.82
N ARG A 24 -3.00 -8.43 4.97
CA ARG A 24 -4.36 -8.72 5.40
C ARG A 24 -5.36 -8.20 4.38
N ASP A 25 -5.63 -6.89 4.43
CA ASP A 25 -6.56 -6.28 3.49
C ASP A 25 -6.15 -6.60 2.06
N LYS A 26 -4.84 -6.63 1.82
CA LYS A 26 -4.29 -6.92 0.51
C LYS A 26 -4.16 -5.66 -0.35
N TYR A 27 -4.90 -4.62 -0.01
CA TYR A 27 -4.83 -3.37 -0.78
C TYR A 27 -3.81 -2.41 -0.19
N CYS A 28 -3.75 -1.22 -0.76
CA CYS A 28 -2.81 -0.20 -0.31
C CYS A 28 -3.54 0.96 0.34
N ALA A 29 -3.10 1.36 1.53
CA ALA A 29 -3.71 2.47 2.25
C ALA A 29 -2.66 3.51 2.61
N TRP A 30 -3.07 4.78 2.59
CA TRP A 30 -2.15 5.87 2.91
C TRP A 30 -1.33 5.55 4.14
N ASP A 31 -0.02 5.79 4.02
CA ASP A 31 0.93 5.55 5.10
C ASP A 31 0.37 4.65 6.19
N PHE A 32 -0.16 3.50 5.77
CA PHE A 32 -0.74 2.55 6.71
C PHE A 32 -1.60 3.26 7.75
N THR A 33 -2.90 3.34 7.49
CA THR A 33 -3.83 3.99 8.41
C THR A 33 -5.16 3.24 8.48
N PHE A 34 -5.93 3.52 9.52
CA PHE A 34 -7.22 2.86 9.71
C PHE A 34 -8.28 3.86 10.17
N SER A 35 -9.25 4.13 9.30
CA SER A 35 -10.32 5.06 9.62
C SER A 35 -11.68 4.36 9.61
N GLU A 1 6.37 -0.14 -10.60
CA GLU A 1 4.94 -0.34 -10.25
C GLU A 1 4.50 0.66 -9.18
N CYS A 2 3.24 0.55 -8.76
CA CYS A 2 2.70 1.45 -7.74
C CYS A 2 1.19 1.32 -7.67
N ARG A 3 0.74 0.49 -6.76
CA ARG A 3 -0.67 0.28 -6.55
C ARG A 3 -1.22 1.37 -5.68
N TYR A 4 -1.75 2.37 -6.33
CA TYR A 4 -2.33 3.53 -5.65
C TYR A 4 -3.35 3.06 -4.63
N LEU A 5 -4.20 3.98 -4.18
CA LEU A 5 -5.23 3.65 -3.21
C LEU A 5 -6.10 2.50 -3.69
N PHE A 6 -6.24 1.49 -2.84
CA PHE A 6 -7.05 0.30 -3.15
C PHE A 6 -6.41 -0.56 -4.24
N GLY A 7 -5.10 -0.49 -4.37
CA GLY A 7 -4.42 -1.28 -5.38
C GLY A 7 -3.84 -2.57 -4.83
N GLY A 8 -4.52 -3.69 -5.07
CA GLY A 8 -4.05 -4.97 -4.58
C GLY A 8 -2.54 -5.07 -4.52
N CYS A 9 -2.00 -5.31 -3.34
CA CYS A 9 -0.55 -5.41 -3.16
C CYS A 9 -0.17 -6.69 -2.42
N LYS A 10 0.97 -7.26 -2.80
CA LYS A 10 1.46 -8.47 -2.16
C LYS A 10 2.30 -8.13 -0.94
N THR A 11 2.84 -6.92 -0.95
CA THR A 11 3.65 -6.41 0.14
C THR A 11 3.56 -4.90 0.21
N THR A 12 4.32 -4.31 1.11
CA THR A 12 4.33 -2.87 1.26
C THR A 12 5.04 -2.23 0.08
N SER A 13 5.99 -2.95 -0.50
CA SER A 13 6.75 -2.45 -1.65
C SER A 13 5.98 -2.65 -2.94
N ASP A 14 4.73 -3.07 -2.83
CA ASP A 14 3.88 -3.31 -4.00
C ASP A 14 2.94 -2.14 -4.24
N CYS A 15 3.14 -1.05 -3.50
CA CYS A 15 2.28 0.12 -3.64
C CYS A 15 3.08 1.37 -3.95
N CYS A 16 2.37 2.40 -4.35
CA CYS A 16 2.95 3.69 -4.70
C CYS A 16 3.81 4.25 -3.57
N LYS A 17 3.79 5.55 -3.43
CA LYS A 17 4.61 6.23 -2.43
C LYS A 17 3.86 6.43 -1.12
N HIS A 18 2.93 7.35 -1.14
CA HIS A 18 2.16 7.67 0.05
C HIS A 18 1.36 6.47 0.55
N LEU A 19 1.29 5.43 -0.26
CA LEU A 19 0.55 4.24 0.10
C LEU A 19 1.44 3.17 0.74
N GLY A 20 0.83 2.36 1.58
CA GLY A 20 1.55 1.29 2.26
C GLY A 20 0.70 0.04 2.40
N CYS A 21 1.26 -1.11 2.04
CA CYS A 21 0.53 -2.37 2.12
C CYS A 21 0.49 -2.88 3.56
N LYS A 22 -0.71 -2.97 4.12
CA LYS A 22 -0.88 -3.44 5.49
C LYS A 22 -0.99 -4.97 5.52
N PHE A 23 -1.21 -5.52 6.71
CA PHE A 23 -1.32 -6.95 6.88
C PHE A 23 -2.78 -7.40 6.77
N ARG A 24 -3.05 -8.30 5.84
CA ARG A 24 -4.39 -8.83 5.63
C ARG A 24 -5.22 -7.90 4.75
N ASP A 25 -5.10 -6.59 4.97
CA ASP A 25 -5.84 -5.61 4.19
C ASP A 25 -5.99 -6.07 2.75
N LYS A 26 -4.88 -6.49 2.14
CA LYS A 26 -4.90 -6.97 0.76
C LYS A 26 -4.70 -5.82 -0.23
N TYR A 27 -5.07 -4.61 0.18
CA TYR A 27 -4.93 -3.44 -0.69
C TYR A 27 -3.89 -2.47 -0.15
N CYS A 28 -3.78 -1.31 -0.80
CA CYS A 28 -2.84 -0.29 -0.40
C CYS A 28 -3.55 0.90 0.24
N ALA A 29 -3.06 1.29 1.41
CA ALA A 29 -3.64 2.42 2.13
C ALA A 29 -2.56 3.42 2.53
N TRP A 30 -2.90 4.70 2.51
CA TRP A 30 -1.94 5.75 2.85
C TRP A 30 -1.02 5.28 3.98
N ASP A 31 0.24 5.68 3.88
CA ASP A 31 1.25 5.32 4.87
C ASP A 31 2.64 5.28 4.24
N PHE A 32 3.42 6.34 4.46
CA PHE A 32 4.75 6.42 3.91
C PHE A 32 5.70 7.13 4.88
N THR A 33 6.61 6.36 5.47
CA THR A 33 7.57 6.91 6.42
C THR A 33 8.97 6.97 5.81
N PHE A 34 9.86 7.67 6.50
CA PHE A 34 11.24 7.81 6.03
C PHE A 34 12.21 7.16 7.02
N SER A 35 11.79 6.04 7.60
CA SER A 35 12.62 5.32 8.56
C SER A 35 12.08 3.92 8.80
N GLU A 1 3.36 -1.76 -10.65
CA GLU A 1 3.65 -0.37 -11.08
C GLU A 1 3.03 0.64 -10.13
N CYS A 2 3.22 0.42 -8.84
CA CYS A 2 2.68 1.32 -7.82
C CYS A 2 1.17 1.20 -7.75
N ARG A 3 0.72 0.47 -6.76
CA ARG A 3 -0.68 0.26 -6.53
C ARG A 3 -1.22 1.38 -5.68
N TYR A 4 -1.86 2.31 -6.35
CA TYR A 4 -2.44 3.48 -5.70
C TYR A 4 -3.36 3.06 -4.57
N LEU A 5 -4.25 3.96 -4.17
CA LEU A 5 -5.19 3.68 -3.10
C LEU A 5 -6.16 2.57 -3.48
N PHE A 6 -6.17 1.50 -2.68
CA PHE A 6 -7.05 0.36 -2.92
C PHE A 6 -6.52 -0.53 -4.03
N GLY A 7 -5.21 -0.50 -4.24
CA GLY A 7 -4.59 -1.32 -5.26
C GLY A 7 -4.06 -2.64 -4.72
N GLY A 8 -4.23 -3.71 -5.50
CA GLY A 8 -3.76 -5.01 -5.07
C GLY A 8 -2.26 -5.03 -4.84
N CYS A 9 -1.85 -5.35 -3.61
CA CYS A 9 -0.45 -5.39 -3.26
C CYS A 9 -0.11 -6.65 -2.46
N LYS A 10 0.97 -7.31 -2.85
CA LYS A 10 1.42 -8.52 -2.16
C LYS A 10 2.27 -8.15 -0.95
N THR A 11 2.76 -6.92 -0.96
CA THR A 11 3.58 -6.40 0.14
C THR A 11 3.48 -4.89 0.21
N THR A 12 4.21 -4.32 1.15
CA THR A 12 4.22 -2.87 1.33
C THR A 12 4.96 -2.21 0.18
N SER A 13 5.97 -2.90 -0.34
CA SER A 13 6.77 -2.39 -1.44
C SER A 13 6.07 -2.60 -2.78
N ASP A 14 4.84 -3.10 -2.73
CA ASP A 14 4.07 -3.35 -3.93
C ASP A 14 3.08 -2.22 -4.21
N CYS A 15 3.25 -1.10 -3.50
CA CYS A 15 2.37 0.04 -3.67
C CYS A 15 3.13 1.31 -4.02
N CYS A 16 2.37 2.32 -4.43
CA CYS A 16 2.91 3.60 -4.82
C CYS A 16 3.80 4.20 -3.74
N LYS A 17 3.77 5.52 -3.63
CA LYS A 17 4.62 6.23 -2.69
C LYS A 17 3.94 6.44 -1.35
N HIS A 18 2.94 7.31 -1.35
CA HIS A 18 2.23 7.67 -0.13
C HIS A 18 1.45 6.49 0.44
N LEU A 19 1.36 5.40 -0.31
CA LEU A 19 0.61 4.24 0.13
C LEU A 19 1.50 3.20 0.81
N GLY A 20 0.86 2.34 1.59
CA GLY A 20 1.55 1.28 2.30
C GLY A 20 0.67 0.05 2.43
N CYS A 21 1.14 -1.09 1.94
CA CYS A 21 0.39 -2.32 2.00
C CYS A 21 0.29 -2.87 3.42
N LYS A 22 -0.79 -3.59 3.70
CA LYS A 22 -1.01 -4.15 5.03
C LYS A 22 -1.65 -5.53 4.92
N PHE A 23 -1.01 -6.52 5.55
CA PHE A 23 -1.51 -7.89 5.54
C PHE A 23 -2.83 -8.01 6.30
N ARG A 24 -3.93 -7.70 5.62
CA ARG A 24 -5.26 -7.78 6.21
C ARG A 24 -6.32 -7.28 5.24
N ASP A 25 -6.01 -6.19 4.56
CA ASP A 25 -6.93 -5.61 3.59
C ASP A 25 -6.61 -6.11 2.18
N LYS A 26 -5.33 -6.38 1.93
CA LYS A 26 -4.88 -6.88 0.63
C LYS A 26 -4.54 -5.73 -0.31
N TYR A 27 -5.17 -4.57 -0.11
CA TYR A 27 -4.91 -3.42 -0.95
C TYR A 27 -3.90 -2.48 -0.31
N CYS A 28 -3.74 -1.31 -0.91
CA CYS A 28 -2.81 -0.31 -0.40
C CYS A 28 -3.54 0.83 0.27
N ALA A 29 -2.98 1.30 1.39
CA ALA A 29 -3.59 2.40 2.13
C ALA A 29 -2.52 3.38 2.61
N TRP A 30 -2.86 4.66 2.60
CA TRP A 30 -1.93 5.69 3.03
C TRP A 30 -1.12 5.23 4.24
N ASP A 31 0.12 5.69 4.33
CA ASP A 31 0.99 5.32 5.44
C ASP A 31 2.37 5.96 5.27
N PHE A 32 2.48 7.21 5.67
CA PHE A 32 3.74 7.95 5.57
C PHE A 32 3.56 9.40 5.99
N THR A 33 3.85 9.70 7.25
CA THR A 33 3.72 11.06 7.75
C THR A 33 5.07 11.61 8.21
N PHE A 34 5.30 11.66 9.52
CA PHE A 34 6.54 12.18 10.06
C PHE A 34 6.68 13.66 9.77
N SER A 35 6.69 14.47 10.82
CA SER A 35 6.82 15.92 10.68
C SER A 35 7.78 16.49 11.71
N GLU A 1 4.27 -2.01 -10.16
CA GLU A 1 2.93 -1.44 -10.42
C GLU A 1 2.39 -0.71 -9.18
N CYS A 2 2.98 0.45 -8.90
CA CYS A 2 2.57 1.26 -7.75
C CYS A 2 1.07 1.17 -7.53
N ARG A 3 0.70 0.29 -6.62
CA ARG A 3 -0.69 0.08 -6.29
C ARG A 3 -1.18 1.21 -5.42
N TYR A 4 -1.76 2.19 -6.09
CA TYR A 4 -2.31 3.36 -5.42
C TYR A 4 -3.36 2.94 -4.42
N LEU A 5 -4.20 3.87 -4.01
CA LEU A 5 -5.26 3.59 -3.05
C LEU A 5 -6.14 2.44 -3.54
N PHE A 6 -6.28 1.41 -2.71
CA PHE A 6 -7.10 0.25 -3.06
C PHE A 6 -6.46 -0.56 -4.17
N GLY A 7 -5.13 -0.58 -4.21
CA GLY A 7 -4.43 -1.33 -5.23
C GLY A 7 -3.92 -2.67 -4.73
N GLY A 8 -4.30 -3.74 -5.42
CA GLY A 8 -3.86 -5.06 -5.02
C GLY A 8 -2.36 -5.14 -4.83
N CYS A 9 -1.93 -5.31 -3.59
CA CYS A 9 -0.51 -5.39 -3.27
C CYS A 9 -0.17 -6.68 -2.52
N LYS A 10 0.96 -7.28 -2.88
CA LYS A 10 1.40 -8.51 -2.23
C LYS A 10 2.27 -8.16 -1.02
N THR A 11 2.85 -6.98 -1.07
CA THR A 11 3.69 -6.47 0.01
C THR A 11 3.58 -4.97 0.10
N THR A 12 4.30 -4.40 1.05
CA THR A 12 4.31 -2.96 1.25
C THR A 12 5.01 -2.27 0.08
N SER A 13 6.02 -2.93 -0.47
CA SER A 13 6.77 -2.38 -1.59
C SER A 13 6.01 -2.57 -2.90
N ASP A 14 4.79 -3.08 -2.81
CA ASP A 14 3.97 -3.31 -3.98
C ASP A 14 3.01 -2.16 -4.23
N CYS A 15 3.17 -1.08 -3.46
CA CYS A 15 2.30 0.08 -3.61
C CYS A 15 3.09 1.33 -3.93
N CYS A 16 2.36 2.37 -4.29
CA CYS A 16 2.93 3.65 -4.66
C CYS A 16 3.81 4.23 -3.55
N LYS A 17 3.79 5.54 -3.45
CA LYS A 17 4.62 6.24 -2.46
C LYS A 17 3.88 6.46 -1.15
N HIS A 18 2.91 7.35 -1.19
CA HIS A 18 2.15 7.69 -0.01
C HIS A 18 1.36 6.51 0.53
N LEU A 19 1.32 5.43 -0.23
CA LEU A 19 0.57 4.25 0.19
C LEU A 19 1.47 3.19 0.83
N GLY A 20 0.82 2.25 1.50
CA GLY A 20 1.52 1.16 2.15
C GLY A 20 0.64 -0.07 2.27
N CYS A 21 1.16 -1.22 1.88
CA CYS A 21 0.39 -2.46 1.95
C CYS A 21 0.16 -2.89 3.38
N LYS A 22 -1.11 -3.04 3.74
CA LYS A 22 -1.48 -3.44 5.10
C LYS A 22 -1.63 -4.95 5.21
N PHE A 23 -2.25 -5.39 6.29
CA PHE A 23 -2.47 -6.80 6.56
C PHE A 23 -3.15 -7.50 5.37
N ARG A 24 -3.71 -8.66 5.63
CA ARG A 24 -4.40 -9.45 4.60
C ARG A 24 -5.24 -8.57 3.68
N ASP A 25 -5.65 -7.39 4.17
CA ASP A 25 -6.47 -6.47 3.39
C ASP A 25 -6.27 -6.67 1.89
N LYS A 26 -5.00 -6.81 1.48
CA LYS A 26 -4.67 -7.05 0.08
C LYS A 26 -4.49 -5.75 -0.70
N TYR A 27 -4.99 -4.64 -0.17
CA TYR A 27 -4.87 -3.36 -0.86
C TYR A 27 -3.84 -2.45 -0.21
N CYS A 28 -3.78 -1.21 -0.69
CA CYS A 28 -2.84 -0.23 -0.18
C CYS A 28 -3.58 0.96 0.44
N ALA A 29 -2.95 1.59 1.43
CA ALA A 29 -3.54 2.74 2.10
C ALA A 29 -2.49 3.77 2.46
N TRP A 30 -2.87 5.04 2.40
CA TRP A 30 -1.95 6.12 2.73
C TRP A 30 -1.04 5.72 3.89
N ASP A 31 0.15 6.32 3.92
CA ASP A 31 1.13 6.05 4.97
C ASP A 31 2.13 4.99 4.53
N PHE A 32 3.29 5.45 4.07
CA PHE A 32 4.35 4.55 3.60
C PHE A 32 4.86 3.68 4.75
N THR A 33 4.58 2.38 4.68
CA THR A 33 5.01 1.46 5.70
C THR A 33 4.55 1.90 7.09
N PHE A 34 5.24 1.43 8.12
CA PHE A 34 4.89 1.80 9.49
C PHE A 34 5.94 2.74 10.08
N SER A 35 7.15 2.67 9.55
CA SER A 35 8.24 3.53 10.03
C SER A 35 8.60 3.18 11.47
N GLU A 1 1.90 -0.52 -12.19
CA GLU A 1 3.06 -0.07 -11.38
C GLU A 1 2.61 0.79 -10.20
N CYS A 2 3.04 0.41 -9.01
CA CYS A 2 2.68 1.15 -7.80
C CYS A 2 1.18 1.11 -7.59
N ARG A 3 0.78 0.24 -6.70
CA ARG A 3 -0.62 0.07 -6.39
C ARG A 3 -1.11 1.21 -5.53
N TYR A 4 -1.73 2.15 -6.20
CA TYR A 4 -2.28 3.32 -5.54
C TYR A 4 -3.26 2.89 -4.46
N LEU A 5 -4.15 3.80 -4.07
CA LEU A 5 -5.15 3.49 -3.06
C LEU A 5 -6.15 2.45 -3.59
N PHE A 6 -6.41 1.43 -2.78
CA PHE A 6 -7.34 0.36 -3.16
C PHE A 6 -6.70 -0.59 -4.17
N GLY A 7 -5.41 -0.41 -4.42
CA GLY A 7 -4.71 -1.26 -5.35
C GLY A 7 -4.29 -2.58 -4.74
N GLY A 8 -4.33 -3.64 -5.55
CA GLY A 8 -3.95 -4.96 -5.06
C GLY A 8 -2.45 -5.09 -4.85
N CYS A 9 -2.04 -5.21 -3.59
CA CYS A 9 -0.63 -5.34 -3.26
C CYS A 9 -0.36 -6.57 -2.41
N LYS A 10 0.78 -7.21 -2.66
CA LYS A 10 1.17 -8.40 -1.91
C LYS A 10 2.17 -8.01 -0.83
N THR A 11 2.82 -6.88 -1.04
CA THR A 11 3.80 -6.38 -0.11
C THR A 11 3.71 -4.87 0.01
N THR A 12 4.34 -4.33 1.04
CA THR A 12 4.33 -2.89 1.24
C THR A 12 5.09 -2.21 0.11
N SER A 13 6.09 -2.89 -0.41
CA SER A 13 6.90 -2.37 -1.49
C SER A 13 6.22 -2.58 -2.84
N ASP A 14 4.97 -3.03 -2.80
CA ASP A 14 4.20 -3.28 -4.01
C ASP A 14 3.25 -2.13 -4.32
N CYS A 15 3.21 -1.13 -3.45
CA CYS A 15 2.33 0.02 -3.65
C CYS A 15 3.13 1.28 -3.96
N CYS A 16 2.40 2.33 -4.26
CA CYS A 16 2.99 3.61 -4.60
C CYS A 16 3.80 4.20 -3.46
N LYS A 17 3.80 5.51 -3.37
CA LYS A 17 4.59 6.22 -2.38
C LYS A 17 3.81 6.45 -1.09
N HIS A 18 2.85 7.34 -1.18
CA HIS A 18 2.04 7.69 -0.03
C HIS A 18 1.27 6.49 0.52
N LEU A 19 1.29 5.41 -0.23
CA LEU A 19 0.57 4.20 0.16
C LEU A 19 1.47 3.16 0.79
N GLY A 20 0.84 2.20 1.47
CA GLY A 20 1.55 1.13 2.11
C GLY A 20 0.69 -0.11 2.28
N CYS A 21 1.22 -1.26 1.90
CA CYS A 21 0.48 -2.52 2.00
C CYS A 21 0.41 -2.97 3.45
N LYS A 22 -0.82 -3.13 3.97
CA LYS A 22 -1.01 -3.53 5.35
C LYS A 22 -1.49 -4.98 5.48
N PHE A 23 -1.34 -5.53 6.68
CA PHE A 23 -1.77 -6.89 6.96
C PHE A 23 -3.30 -6.94 6.99
N ARG A 24 -3.87 -8.05 6.55
CA ARG A 24 -5.32 -8.18 6.52
C ARG A 24 -5.92 -7.11 5.61
N ASP A 25 -5.06 -6.48 4.82
CA ASP A 25 -5.47 -5.43 3.89
C ASP A 25 -4.65 -5.51 2.62
N LYS A 26 -4.88 -6.58 1.86
CA LYS A 26 -4.16 -6.82 0.61
C LYS A 26 -4.04 -5.57 -0.26
N TYR A 27 -4.90 -4.58 -0.02
CA TYR A 27 -4.86 -3.35 -0.80
C TYR A 27 -3.81 -2.39 -0.24
N CYS A 28 -3.80 -1.18 -0.79
CA CYS A 28 -2.85 -0.17 -0.34
C CYS A 28 -3.55 1.01 0.32
N ALA A 29 -3.03 1.43 1.47
CA ALA A 29 -3.58 2.54 2.22
C ALA A 29 -2.51 3.57 2.51
N TRP A 30 -2.89 4.85 2.52
CA TRP A 30 -1.95 5.92 2.79
C TRP A 30 -1.01 5.56 3.94
N ASP A 31 0.17 6.17 3.94
CA ASP A 31 1.17 5.91 4.97
C ASP A 31 2.08 4.76 4.59
N PHE A 32 3.20 5.08 3.96
CA PHE A 32 4.16 4.08 3.53
C PHE A 32 4.75 3.34 4.73
N THR A 33 4.49 2.04 4.80
CA THR A 33 4.98 1.21 5.89
C THR A 33 4.76 1.91 7.23
N PHE A 34 5.59 1.56 8.21
CA PHE A 34 5.49 2.13 9.55
C PHE A 34 4.32 1.54 10.32
N SER A 35 3.94 2.19 11.41
CA SER A 35 2.83 1.73 12.23
C SER A 35 1.53 2.43 11.84
N GLU A 1 2.39 -0.18 -12.45
CA GLU A 1 3.42 0.03 -11.40
C GLU A 1 2.91 0.95 -10.29
N CYS A 2 3.13 0.54 -9.04
CA CYS A 2 2.68 1.33 -7.90
C CYS A 2 1.18 1.29 -7.78
N ARG A 3 0.72 0.48 -6.85
CA ARG A 3 -0.70 0.34 -6.61
C ARG A 3 -1.21 1.48 -5.75
N TYR A 4 -1.86 2.41 -6.42
CA TYR A 4 -2.41 3.57 -5.76
C TYR A 4 -3.56 3.16 -4.84
N LEU A 5 -4.11 4.10 -4.07
CA LEU A 5 -5.20 3.81 -3.15
C LEU A 5 -6.11 2.70 -3.66
N PHE A 6 -6.25 1.63 -2.85
CA PHE A 6 -7.11 0.51 -3.19
C PHE A 6 -6.49 -0.40 -4.25
N GLY A 7 -5.16 -0.42 -4.31
CA GLY A 7 -4.48 -1.27 -5.27
C GLY A 7 -3.97 -2.55 -4.66
N GLY A 8 -4.47 -3.68 -5.13
CA GLY A 8 -4.03 -4.97 -4.60
C GLY A 8 -2.52 -5.03 -4.48
N CYS A 9 -2.03 -5.44 -3.31
CA CYS A 9 -0.59 -5.53 -3.08
C CYS A 9 -0.23 -6.72 -2.19
N LYS A 10 0.83 -7.42 -2.57
CA LYS A 10 1.32 -8.56 -1.80
C LYS A 10 2.32 -8.09 -0.75
N THR A 11 2.83 -6.89 -0.95
CA THR A 11 3.81 -6.31 -0.05
C THR A 11 3.70 -4.80 0.00
N THR A 12 4.30 -4.20 1.03
CA THR A 12 4.28 -2.76 1.17
C THR A 12 5.03 -2.13 0.01
N SER A 13 6.05 -2.83 -0.47
CA SER A 13 6.85 -2.36 -1.59
C SER A 13 6.12 -2.57 -2.91
N ASP A 14 4.89 -3.09 -2.83
CA ASP A 14 4.10 -3.35 -4.03
C ASP A 14 3.10 -2.22 -4.27
N CYS A 15 3.31 -1.09 -3.62
CA CYS A 15 2.41 0.06 -3.77
C CYS A 15 3.18 1.33 -4.08
N CYS A 16 2.42 2.39 -4.38
CA CYS A 16 2.98 3.68 -4.71
C CYS A 16 3.82 4.25 -3.59
N LYS A 17 3.75 5.55 -3.41
CA LYS A 17 4.55 6.24 -2.41
C LYS A 17 3.82 6.37 -1.08
N HIS A 18 2.85 7.27 -1.07
CA HIS A 18 2.08 7.53 0.13
C HIS A 18 1.31 6.32 0.61
N LEU A 19 1.28 5.29 -0.23
CA LEU A 19 0.56 4.07 0.11
C LEU A 19 1.44 3.00 0.74
N GLY A 20 0.85 2.29 1.70
CA GLY A 20 1.54 1.21 2.38
C GLY A 20 0.68 -0.02 2.50
N CYS A 21 1.20 -1.16 2.04
CA CYS A 21 0.47 -2.42 2.08
C CYS A 21 0.30 -2.90 3.52
N LYS A 22 -0.93 -3.24 3.89
CA LYS A 22 -1.22 -3.71 5.24
C LYS A 22 -1.86 -5.10 5.20
N PHE A 23 -1.49 -5.94 6.16
CA PHE A 23 -2.02 -7.30 6.24
C PHE A 23 -3.43 -7.32 6.81
N ARG A 24 -4.35 -6.63 6.14
CA ARG A 24 -5.73 -6.57 6.59
C ARG A 24 -6.69 -6.51 5.40
N ASP A 25 -6.75 -5.35 4.75
CA ASP A 25 -7.63 -5.16 3.61
C ASP A 25 -7.06 -5.87 2.38
N LYS A 26 -5.74 -6.03 2.34
CA LYS A 26 -5.07 -6.69 1.23
C LYS A 26 -4.68 -5.68 0.14
N TYR A 27 -5.20 -4.46 0.25
CA TYR A 27 -4.88 -3.42 -0.73
C TYR A 27 -3.86 -2.44 -0.17
N CYS A 28 -3.63 -1.36 -0.91
CA CYS A 28 -2.68 -0.35 -0.48
C CYS A 28 -3.38 0.82 0.18
N ALA A 29 -3.02 1.10 1.43
CA ALA A 29 -3.63 2.20 2.17
C ALA A 29 -2.57 3.22 2.53
N TRP A 30 -2.94 4.50 2.44
CA TRP A 30 -2.02 5.58 2.76
C TRP A 30 -1.10 5.19 3.90
N ASP A 31 0.06 5.83 3.97
CA ASP A 31 1.03 5.56 5.00
C ASP A 31 0.58 6.15 6.34
N PHE A 32 -0.65 5.82 6.72
CA PHE A 32 -1.23 6.30 7.96
C PHE A 32 -0.17 6.45 9.05
N THR A 33 0.40 7.65 9.14
CA THR A 33 1.43 7.93 10.14
C THR A 33 0.89 7.71 11.55
N PHE A 34 1.72 7.94 12.55
CA PHE A 34 1.32 7.77 13.94
C PHE A 34 0.85 6.35 14.19
N SER A 35 1.73 5.51 14.73
CA SER A 35 1.40 4.12 15.01
C SER A 35 1.29 3.88 16.51
N GLU A 1 2.72 -3.12 -9.88
CA GLU A 1 2.86 -1.66 -10.17
C GLU A 1 2.36 -0.83 -8.99
N CYS A 2 2.86 0.39 -8.88
CA CYS A 2 2.48 1.28 -7.79
C CYS A 2 0.97 1.24 -7.58
N ARG A 3 0.58 0.41 -6.64
CA ARG A 3 -0.81 0.24 -6.30
C ARG A 3 -1.28 1.40 -5.46
N TYR A 4 -1.95 2.32 -6.12
CA TYR A 4 -2.49 3.49 -5.47
C TYR A 4 -3.66 3.08 -4.57
N LEU A 5 -4.21 4.01 -3.80
CA LEU A 5 -5.33 3.71 -2.91
C LEU A 5 -6.20 2.59 -3.46
N PHE A 6 -6.41 1.57 -2.65
CA PHE A 6 -7.23 0.41 -3.03
C PHE A 6 -6.55 -0.43 -4.11
N GLY A 7 -5.22 -0.48 -4.08
CA GLY A 7 -4.48 -1.25 -5.06
C GLY A 7 -3.97 -2.57 -4.49
N GLY A 8 -4.28 -3.67 -5.16
CA GLY A 8 -3.84 -4.97 -4.70
C GLY A 8 -2.33 -5.09 -4.63
N CYS A 9 -1.80 -5.22 -3.42
CA CYS A 9 -0.36 -5.35 -3.24
C CYS A 9 0.01 -6.64 -2.53
N LYS A 10 1.15 -7.21 -2.91
CA LYS A 10 1.63 -8.45 -2.30
C LYS A 10 2.37 -8.14 -1.00
N THR A 11 2.87 -6.92 -0.92
CA THR A 11 3.59 -6.45 0.25
C THR A 11 3.63 -4.94 0.27
N THR A 12 4.29 -4.39 1.28
CA THR A 12 4.43 -2.95 1.42
C THR A 12 5.17 -2.38 0.23
N SER A 13 6.12 -3.15 -0.29
CA SER A 13 6.92 -2.72 -1.43
C SER A 13 6.21 -3.06 -2.73
N ASP A 14 4.90 -2.88 -2.76
CA ASP A 14 4.11 -3.17 -3.95
C ASP A 14 3.11 -2.06 -4.25
N CYS A 15 3.18 -0.98 -3.46
CA CYS A 15 2.29 0.15 -3.63
C CYS A 15 3.05 1.41 -4.01
N CYS A 16 2.32 2.43 -4.40
CA CYS A 16 2.89 3.70 -4.80
C CYS A 16 3.79 4.29 -3.73
N LYS A 17 3.72 5.60 -3.56
CA LYS A 17 4.57 6.29 -2.60
C LYS A 17 3.91 6.44 -1.25
N HIS A 18 2.95 7.34 -1.19
CA HIS A 18 2.25 7.62 0.05
C HIS A 18 1.44 6.43 0.54
N LEU A 19 1.34 5.41 -0.32
CA LEU A 19 0.57 4.22 0.02
C LEU A 19 1.43 3.10 0.58
N GLY A 20 0.91 2.46 1.63
CA GLY A 20 1.59 1.35 2.24
C GLY A 20 0.71 0.12 2.28
N CYS A 21 1.26 -1.04 1.95
CA CYS A 21 0.50 -2.27 1.93
C CYS A 21 0.06 -2.67 3.32
N LYS A 22 -1.23 -3.00 3.47
CA LYS A 22 -1.79 -3.40 4.76
C LYS A 22 -2.26 -4.85 4.71
N PHE A 23 -2.19 -5.53 5.84
CA PHE A 23 -2.62 -6.92 5.92
C PHE A 23 -4.08 -7.01 6.34
N ARG A 24 -4.95 -6.28 5.63
CA ARG A 24 -6.37 -6.28 5.92
C ARG A 24 -7.18 -6.77 4.72
N ASP A 25 -7.12 -6.01 3.63
CA ASP A 25 -7.84 -6.36 2.41
C ASP A 25 -6.88 -6.69 1.28
N LYS A 26 -5.58 -6.62 1.55
CA LYS A 26 -4.57 -6.92 0.55
C LYS A 26 -4.41 -5.75 -0.43
N TYR A 27 -4.97 -4.60 -0.06
CA TYR A 27 -4.88 -3.41 -0.90
C TYR A 27 -3.83 -2.44 -0.38
N CYS A 28 -3.82 -1.24 -0.95
CA CYS A 28 -2.86 -0.22 -0.55
C CYS A 28 -3.56 0.99 0.05
N ALA A 29 -3.16 1.35 1.26
CA ALA A 29 -3.72 2.49 1.95
C ALA A 29 -2.63 3.41 2.46
N TRP A 30 -2.88 4.71 2.47
CA TRP A 30 -1.90 5.68 2.96
C TRP A 30 -1.15 5.11 4.15
N ASP A 31 0.11 5.51 4.29
CA ASP A 31 0.94 5.03 5.38
C ASP A 31 2.22 5.85 5.50
N PHE A 32 2.16 6.92 6.29
CA PHE A 32 3.31 7.79 6.50
C PHE A 32 2.94 8.95 7.41
N THR A 33 2.81 8.67 8.70
CA THR A 33 2.47 9.70 9.68
C THR A 33 1.03 10.18 9.49
N PHE A 34 0.48 10.80 10.54
CA PHE A 34 -0.87 11.31 10.49
C PHE A 34 -1.26 11.97 11.82
N SER A 35 -0.37 12.79 12.34
CA SER A 35 -0.61 13.49 13.60
C SER A 35 -0.59 12.50 14.77
N GLU A 1 2.40 -2.77 -10.94
CA GLU A 1 3.06 -1.45 -10.71
C GLU A 1 2.49 -0.76 -9.47
N CYS A 2 3.13 0.34 -9.07
CA CYS A 2 2.70 1.11 -7.92
C CYS A 2 1.18 1.11 -7.79
N ARG A 3 0.71 0.33 -6.83
CA ARG A 3 -0.70 0.21 -6.57
C ARG A 3 -1.17 1.37 -5.72
N TYR A 4 -1.82 2.31 -6.39
CA TYR A 4 -2.34 3.50 -5.71
C TYR A 4 -3.34 3.09 -4.63
N LEU A 5 -4.20 4.02 -4.26
CA LEU A 5 -5.20 3.78 -3.23
C LEU A 5 -6.11 2.61 -3.61
N PHE A 6 -6.21 1.64 -2.71
CA PHE A 6 -7.05 0.46 -2.94
C PHE A 6 -6.46 -0.43 -4.03
N GLY A 7 -5.15 -0.41 -4.17
CA GLY A 7 -4.49 -1.23 -5.16
C GLY A 7 -4.01 -2.55 -4.60
N GLY A 8 -4.25 -3.63 -5.35
CA GLY A 8 -3.83 -4.95 -4.90
C GLY A 8 -2.33 -5.03 -4.72
N CYS A 9 -1.88 -5.27 -3.49
CA CYS A 9 -0.45 -5.35 -3.21
C CYS A 9 -0.11 -6.63 -2.44
N LYS A 10 1.00 -7.26 -2.83
CA LYS A 10 1.46 -8.48 -2.19
C LYS A 10 2.29 -8.12 -0.96
N THR A 11 2.84 -6.92 -0.98
CA THR A 11 3.64 -6.42 0.13
C THR A 11 3.56 -4.90 0.18
N THR A 12 4.28 -4.32 1.13
CA THR A 12 4.31 -2.88 1.28
C THR A 12 5.04 -2.23 0.11
N SER A 13 6.03 -2.94 -0.43
CA SER A 13 6.80 -2.44 -1.55
C SER A 13 6.09 -2.69 -2.86
N ASP A 14 4.85 -3.14 -2.79
CA ASP A 14 4.05 -3.42 -3.97
C ASP A 14 3.08 -2.28 -4.28
N CYS A 15 3.22 -1.18 -3.55
CA CYS A 15 2.35 -0.03 -3.74
C CYS A 15 3.13 1.23 -4.09
N CYS A 16 2.40 2.28 -4.39
CA CYS A 16 2.97 3.56 -4.75
C CYS A 16 3.80 4.15 -3.62
N LYS A 17 3.78 5.47 -3.53
CA LYS A 17 4.58 6.16 -2.52
C LYS A 17 3.80 6.41 -1.25
N HIS A 18 2.83 7.32 -1.34
CA HIS A 18 2.02 7.67 -0.19
C HIS A 18 1.29 6.48 0.39
N LEU A 19 1.25 5.39 -0.36
CA LEU A 19 0.55 4.19 0.08
C LEU A 19 1.47 3.18 0.75
N GLY A 20 0.86 2.33 1.56
CA GLY A 20 1.57 1.28 2.26
C GLY A 20 0.72 0.04 2.42
N CYS A 21 1.21 -1.08 1.94
CA CYS A 21 0.46 -2.34 2.03
C CYS A 21 0.28 -2.76 3.48
N LYS A 22 -0.96 -2.96 3.88
CA LYS A 22 -1.27 -3.36 5.25
C LYS A 22 -1.07 -4.86 5.45
N PHE A 23 0.12 -5.22 5.94
CA PHE A 23 0.44 -6.62 6.19
C PHE A 23 -0.04 -7.50 5.04
N ARG A 24 0.38 -7.16 3.82
CA ARG A 24 0.00 -7.91 2.64
C ARG A 24 -1.48 -8.30 2.69
N ASP A 25 -2.29 -7.46 3.35
CA ASP A 25 -3.71 -7.72 3.46
C ASP A 25 -4.34 -7.98 2.10
N LYS A 26 -4.44 -6.93 1.29
CA LYS A 26 -5.02 -7.05 -0.05
C LYS A 26 -4.76 -5.80 -0.87
N TYR A 27 -5.13 -4.64 -0.32
CA TYR A 27 -4.94 -3.37 -1.03
C TYR A 27 -3.89 -2.50 -0.34
N CYS A 28 -3.78 -1.26 -0.81
CA CYS A 28 -2.82 -0.32 -0.26
C CYS A 28 -3.53 0.86 0.41
N ALA A 29 -3.08 1.21 1.61
CA ALA A 29 -3.66 2.32 2.35
C ALA A 29 -2.59 3.34 2.70
N TRP A 30 -2.96 4.62 2.69
CA TRP A 30 -2.01 5.67 3.01
C TRP A 30 -1.20 5.30 4.23
N ASP A 31 0.11 5.21 4.01
CA ASP A 31 1.07 4.86 5.06
C ASP A 31 0.40 4.22 6.27
N PHE A 32 -0.43 3.22 6.02
CA PHE A 32 -1.13 2.53 7.08
C PHE A 32 -0.70 1.06 7.19
N THR A 33 -0.34 0.64 8.40
CA THR A 33 0.08 -0.73 8.63
C THR A 33 -0.31 -1.19 10.04
N PHE A 34 -1.00 -2.31 10.11
CA PHE A 34 -1.44 -2.87 11.39
C PHE A 34 -2.36 -1.89 12.12
N SER A 35 -1.79 -0.80 12.62
CA SER A 35 -2.57 0.20 13.34
C SER A 35 -1.77 1.50 13.50
N GLU A 1 4.35 -0.04 -11.56
CA GLU A 1 4.89 -0.49 -10.25
C GLU A 1 4.51 0.47 -9.13
N CYS A 2 3.23 0.47 -8.77
CA CYS A 2 2.73 1.35 -7.72
C CYS A 2 1.22 1.27 -7.64
N ARG A 3 0.76 0.44 -6.72
CA ARG A 3 -0.65 0.25 -6.51
C ARG A 3 -1.21 1.37 -5.66
N TYR A 4 -1.78 2.34 -6.34
CA TYR A 4 -2.37 3.51 -5.70
C TYR A 4 -3.52 3.06 -4.78
N LEU A 5 -4.14 4.01 -4.08
CA LEU A 5 -5.24 3.70 -3.18
C LEU A 5 -6.10 2.55 -3.69
N PHE A 6 -6.30 1.54 -2.85
CA PHE A 6 -7.12 0.39 -3.19
C PHE A 6 -6.43 -0.50 -4.23
N GLY A 7 -5.12 -0.40 -4.32
CA GLY A 7 -4.39 -1.22 -5.27
C GLY A 7 -3.94 -2.54 -4.67
N GLY A 8 -4.28 -3.63 -5.34
CA GLY A 8 -3.89 -4.94 -4.85
C GLY A 8 -2.38 -5.06 -4.68
N CYS A 9 -1.94 -5.21 -3.44
CA CYS A 9 -0.51 -5.33 -3.15
C CYS A 9 -0.20 -6.58 -2.34
N LYS A 10 0.87 -7.28 -2.72
CA LYS A 10 1.29 -8.48 -2.02
C LYS A 10 2.17 -8.11 -0.84
N THR A 11 2.77 -6.93 -0.91
CA THR A 11 3.63 -6.43 0.15
C THR A 11 3.57 -4.91 0.19
N THR A 12 4.32 -4.34 1.10
CA THR A 12 4.38 -2.89 1.24
C THR A 12 5.11 -2.27 0.08
N SER A 13 6.04 -3.03 -0.49
CA SER A 13 6.83 -2.56 -1.62
C SER A 13 6.08 -2.78 -2.94
N ASP A 14 4.77 -3.04 -2.84
CA ASP A 14 3.95 -3.27 -4.02
C ASP A 14 3.00 -2.10 -4.27
N CYS A 15 3.12 -1.06 -3.47
CA CYS A 15 2.26 0.12 -3.61
C CYS A 15 3.06 1.37 -3.91
N CYS A 16 2.35 2.40 -4.34
CA CYS A 16 2.93 3.69 -4.68
C CYS A 16 3.76 4.26 -3.56
N LYS A 17 3.73 5.57 -3.43
CA LYS A 17 4.52 6.27 -2.43
C LYS A 17 3.76 6.47 -1.14
N HIS A 18 2.77 7.35 -1.18
CA HIS A 18 1.98 7.66 -0.01
C HIS A 18 1.23 6.44 0.50
N LEU A 19 1.23 5.38 -0.28
CA LEU A 19 0.52 4.16 0.10
C LEU A 19 1.43 3.09 0.66
N GLY A 20 0.92 2.38 1.67
CA GLY A 20 1.64 1.31 2.30
C GLY A 20 0.77 0.07 2.42
N CYS A 21 1.30 -1.08 2.02
CA CYS A 21 0.53 -2.31 2.07
C CYS A 21 0.35 -2.78 3.52
N LYS A 22 -0.90 -2.97 3.92
CA LYS A 22 -1.22 -3.39 5.27
C LYS A 22 -1.75 -4.82 5.29
N PHE A 23 -1.81 -5.40 6.49
CA PHE A 23 -2.30 -6.76 6.66
C PHE A 23 -3.82 -6.77 6.82
N ARG A 24 -4.43 -7.92 6.56
CA ARG A 24 -5.87 -8.07 6.68
C ARG A 24 -6.60 -7.13 5.71
N ASP A 25 -6.31 -7.30 4.42
CA ASP A 25 -6.93 -6.47 3.38
C ASP A 25 -6.36 -6.82 2.02
N LYS A 26 -5.04 -6.64 1.88
CA LYS A 26 -4.35 -6.93 0.63
C LYS A 26 -4.33 -5.73 -0.30
N TYR A 27 -4.87 -4.60 0.15
CA TYR A 27 -4.89 -3.40 -0.65
C TYR A 27 -3.81 -2.42 -0.22
N CYS A 28 -3.80 -1.25 -0.83
CA CYS A 28 -2.82 -0.22 -0.50
C CYS A 28 -3.48 0.94 0.23
N ALA A 29 -3.03 1.20 1.45
CA ALA A 29 -3.58 2.29 2.25
C ALA A 29 -2.49 3.28 2.61
N TRP A 30 -2.84 4.56 2.58
CA TRP A 30 -1.88 5.61 2.90
C TRP A 30 -0.93 5.17 4.01
N ASP A 31 0.24 5.77 4.07
CA ASP A 31 1.24 5.44 5.06
C ASP A 31 0.85 6.00 6.43
N PHE A 32 -0.38 5.75 6.83
CA PHE A 32 -0.89 6.23 8.11
C PHE A 32 0.20 6.20 9.18
N THR A 33 0.40 7.34 9.84
CA THR A 33 1.41 7.44 10.88
C THR A 33 1.30 6.27 11.86
N PHE A 34 2.43 5.87 12.43
CA PHE A 34 2.45 4.76 13.38
C PHE A 34 3.26 5.13 14.62
N SER A 35 3.33 6.42 14.92
CA SER A 35 4.07 6.91 16.09
C SER A 35 5.57 6.76 15.88
N GLU A 1 6.35 -0.28 -10.62
CA GLU A 1 4.93 -0.51 -10.24
C GLU A 1 4.47 0.50 -9.20
N CYS A 2 3.21 0.38 -8.79
CA CYS A 2 2.65 1.28 -7.78
C CYS A 2 1.15 1.17 -7.71
N ARG A 3 0.70 0.52 -6.66
CA ARG A 3 -0.71 0.32 -6.41
C ARG A 3 -1.25 1.46 -5.58
N TYR A 4 -1.87 2.40 -6.27
CA TYR A 4 -2.45 3.56 -5.62
C TYR A 4 -3.42 3.11 -4.54
N LEU A 5 -4.29 4.02 -4.10
CA LEU A 5 -5.26 3.69 -3.07
C LEU A 5 -6.21 2.60 -3.54
N PHE A 6 -6.26 1.51 -2.78
CA PHE A 6 -7.13 0.38 -3.11
C PHE A 6 -6.49 -0.49 -4.20
N GLY A 7 -5.16 -0.46 -4.27
CA GLY A 7 -4.46 -1.25 -5.27
C GLY A 7 -3.97 -2.58 -4.71
N GLY A 8 -4.32 -3.67 -5.39
CA GLY A 8 -3.91 -4.99 -4.94
C GLY A 8 -2.41 -5.09 -4.76
N CYS A 9 -1.97 -5.29 -3.52
CA CYS A 9 -0.56 -5.40 -3.22
C CYS A 9 -0.23 -6.69 -2.47
N LYS A 10 0.95 -7.24 -2.74
CA LYS A 10 1.41 -8.47 -2.09
C LYS A 10 2.23 -8.11 -0.87
N THR A 11 2.86 -6.96 -0.93
CA THR A 11 3.68 -6.46 0.17
C THR A 11 3.54 -4.95 0.28
N THR A 12 4.26 -4.39 1.23
CA THR A 12 4.22 -2.96 1.45
C THR A 12 4.92 -2.23 0.31
N SER A 13 5.93 -2.87 -0.27
CA SER A 13 6.70 -2.28 -1.35
C SER A 13 5.98 -2.47 -2.69
N ASP A 14 4.81 -3.09 -2.66
CA ASP A 14 4.03 -3.31 -3.87
C ASP A 14 3.06 -2.17 -4.14
N CYS A 15 3.24 -1.06 -3.42
CA CYS A 15 2.37 0.09 -3.59
C CYS A 15 3.13 1.34 -3.95
N CYS A 16 2.38 2.35 -4.39
CA CYS A 16 2.93 3.63 -4.80
C CYS A 16 3.80 4.25 -3.72
N LYS A 17 3.75 5.56 -3.61
CA LYS A 17 4.56 6.29 -2.65
C LYS A 17 3.86 6.50 -1.32
N HIS A 18 2.87 7.37 -1.34
CA HIS A 18 2.13 7.71 -0.14
C HIS A 18 1.37 6.51 0.42
N LEU A 19 1.32 5.43 -0.36
CA LEU A 19 0.60 4.23 0.07
C LEU A 19 1.53 3.20 0.69
N GLY A 20 0.93 2.29 1.45
CA GLY A 20 1.66 1.23 2.11
C GLY A 20 0.78 0.02 2.35
N CYS A 21 1.22 -1.14 1.90
CA CYS A 21 0.46 -2.37 2.06
C CYS A 21 0.44 -2.83 3.52
N LYS A 22 -0.75 -3.14 4.02
CA LYS A 22 -0.90 -3.59 5.40
C LYS A 22 -0.93 -5.11 5.48
N PHE A 23 0.16 -5.67 6.01
CA PHE A 23 0.29 -7.11 6.17
C PHE A 23 -0.41 -7.86 5.04
N ARG A 24 0.07 -7.65 3.82
CA ARG A 24 -0.51 -8.30 2.65
C ARG A 24 -2.02 -8.48 2.80
N ASP A 25 -2.67 -7.49 3.39
CA ASP A 25 -4.12 -7.54 3.60
C ASP A 25 -4.85 -7.77 2.29
N LYS A 26 -4.55 -6.96 1.28
CA LYS A 26 -5.18 -7.09 -0.02
C LYS A 26 -4.97 -5.85 -0.87
N TYR A 27 -5.17 -4.68 -0.28
CA TYR A 27 -5.00 -3.42 -1.00
C TYR A 27 -3.93 -2.54 -0.37
N CYS A 28 -3.80 -1.33 -0.90
CA CYS A 28 -2.81 -0.38 -0.40
C CYS A 28 -3.49 0.78 0.32
N ALA A 29 -2.98 1.09 1.52
CA ALA A 29 -3.53 2.18 2.31
C ALA A 29 -2.46 3.24 2.57
N TRP A 30 -2.86 4.50 2.58
CA TRP A 30 -1.93 5.60 2.83
C TRP A 30 -0.84 5.18 3.81
N ASP A 31 0.28 5.88 3.79
CA ASP A 31 1.40 5.60 4.66
C ASP A 31 1.06 5.94 6.11
N PHE A 32 -0.03 5.32 6.58
CA PHE A 32 -0.52 5.53 7.95
C PHE A 32 0.60 5.94 8.89
N THR A 33 0.68 7.24 9.15
CA THR A 33 1.70 7.78 10.05
C THR A 33 1.27 7.62 11.50
N PHE A 34 2.07 8.17 12.41
CA PHE A 34 1.76 8.08 13.84
C PHE A 34 2.38 9.25 14.60
N SER A 35 3.69 9.41 14.46
CA SER A 35 4.41 10.48 15.14
C SER A 35 5.54 11.02 14.27
#